data_4EG1
#
_entry.id   4EG1
#
_cell.length_a   85.037
_cell.length_b   105.935
_cell.length_c   207.180
_cell.angle_alpha   90.00
_cell.angle_beta   90.00
_cell.angle_gamma   90.00
#
_symmetry.space_group_name_H-M   'P 21 21 21'
#
loop_
_entity.id
_entity.type
_entity.pdbx_description
1 polymer 'Methionyl-tRNA synthetase, putative'
2 non-polymer GLYCEROL
3 non-polymer METHIONINE
4 water water
#
_entity_poly.entity_id   1
_entity_poly.type   'polypeptide(L)'
_entity_poly.pdbx_seq_one_letter_code
;GPGSMKVEKVFFVTSPIYYVNAAPHIGHVYSTLITDVIGRYHRVKGERVFALTGTDEHGQKVAEAAKQKQVSPYDFTTAV
AGEFKKCFEQMDYSIDYFIRTTNEQHKAVVKELWTKLEQKGDIYLGRYEGWYSISDESFLTPQNITDGVDKDGNPCKVSL
ESGHVVTWVSEENYMFRLSAFRERLLEWYHANPGCIVPEFRRREVIRAVEKGLPDLSVSRARATLHNWAIPVPGNPDH
(CAS)VYVWLDALTNYLTGSRLRVDESGKEVSLVDDFNELERFPADVHVIGKDILKFHAIYWPAFLLSAGLPLPKKIVAH
GWWTKDRKKISKSLGNVFDPVEKAEEFGYDALKYFLLRESGFSDDGDYSDKNMIARLNGELADTLGNLVMRCTSAKINVN
GEWPSPAAYTEEDESLIQLIKDLPGTADHYYLIPDIQKAIIAVFDVLRAINAYVTDMAPWKLVKTDPERLRTVLYITLEG
VRVTTLLLSPILPRKSVVIFDMLGVPEVHRKGIENFEFGAVPPGTRLGPAVEGEVLFSKRSTENTKST
;
_entity_poly.pdbx_strand_id   A,B
#
# COMPACT_ATOMS: atom_id res chain seq x y z
N GLU A 8 -22.91 -22.72 -4.42
CA GLU A 8 -22.85 -22.09 -5.77
C GLU A 8 -24.22 -21.57 -6.20
N LYS A 9 -24.30 -20.28 -6.53
CA LYS A 9 -25.57 -19.55 -6.61
C LYS A 9 -25.41 -18.32 -7.52
N VAL A 10 -26.54 -17.74 -7.95
CA VAL A 10 -26.45 -16.47 -8.68
C VAL A 10 -26.19 -15.37 -7.65
N PHE A 11 -25.09 -14.67 -7.82
CA PHE A 11 -24.82 -13.53 -6.97
C PHE A 11 -25.93 -12.52 -7.22
N PHE A 12 -26.52 -12.04 -6.13
CA PHE A 12 -27.75 -11.24 -6.17
C PHE A 12 -27.48 -9.97 -5.36
N VAL A 13 -27.62 -8.83 -6.02
CA VAL A 13 -27.32 -7.55 -5.41
C VAL A 13 -28.45 -6.58 -5.75
N THR A 14 -28.83 -5.74 -4.77
CA THR A 14 -29.96 -4.83 -4.89
C THR A 14 -29.57 -3.38 -4.70
N SER A 15 -30.31 -2.48 -5.34
CA SER A 15 -30.43 -1.11 -4.88
C SER A 15 -31.83 -1.05 -4.31
N PRO A 16 -32.08 -0.07 -3.45
CA PRO A 16 -33.43 0.01 -2.93
C PRO A 16 -34.35 0.54 -4.00
N ILE A 17 -35.58 0.04 -4.03
CA ILE A 17 -36.60 0.60 -4.89
C ILE A 17 -36.98 1.98 -4.34
N TYR A 18 -37.00 2.97 -5.22
CA TYR A 18 -37.11 4.38 -4.83
C TYR A 18 -38.54 4.90 -4.89
N TYR A 19 -38.95 5.72 -3.91
CA TYR A 19 -40.26 6.37 -3.97
C TYR A 19 -40.36 7.21 -5.23
N VAL A 20 -41.55 7.22 -5.85
CA VAL A 20 -41.77 7.89 -7.14
C VAL A 20 -42.53 9.20 -7.00
N ASN A 21 -42.36 9.90 -5.87
CA ASN A 21 -43.10 11.14 -5.61
C ASN A 21 -42.49 12.33 -6.33
N ALA A 22 -41.22 12.22 -6.71
CA ALA A 22 -40.53 13.28 -7.46
C ALA A 22 -39.49 12.65 -8.36
N ALA A 23 -38.88 13.49 -9.20
CA ALA A 23 -37.94 13.03 -10.21
C ALA A 23 -36.74 12.41 -9.53
N PRO A 24 -35.96 11.60 -10.28
CA PRO A 24 -34.73 11.01 -9.77
C PRO A 24 -33.58 12.02 -9.73
N HIS A 25 -32.63 11.76 -8.84
CA HIS A 25 -31.52 12.64 -8.56
C HIS A 25 -30.42 11.84 -7.90
N ILE A 26 -29.33 12.52 -7.54
CA ILE A 26 -28.10 11.88 -7.07
C ILE A 26 -28.26 10.74 -6.05
N GLY A 27 -29.17 10.89 -5.10
CA GLY A 27 -29.41 9.84 -4.12
C GLY A 27 -29.62 8.48 -4.76
N HIS A 28 -30.53 8.41 -5.72
CA HIS A 28 -30.88 7.14 -6.35
C HIS A 28 -29.77 6.71 -7.29
N VAL A 29 -29.13 7.67 -7.96
CA VAL A 29 -28.07 7.39 -8.94
C VAL A 29 -26.87 6.78 -8.22
N TYR A 30 -26.43 7.43 -7.16
CA TYR A 30 -25.36 6.93 -6.31
C TYR A 30 -25.68 5.53 -5.79
N SER A 31 -26.88 5.33 -5.27
CA SER A 31 -27.23 4.03 -4.69
C SER A 31 -27.14 2.93 -5.74
N THR A 32 -27.65 3.22 -6.92
CA THR A 32 -27.67 2.25 -8.00
C THR A 32 -26.27 2.01 -8.57
N LEU A 33 -25.41 3.01 -8.49
CA LEU A 33 -24.06 2.87 -9.04
C LEU A 33 -23.30 1.84 -8.24
N ILE A 34 -23.37 1.98 -6.92
CA ILE A 34 -22.80 1.00 -5.99
C ILE A 34 -23.30 -0.39 -6.36
N THR A 35 -24.60 -0.55 -6.45
CA THR A 35 -25.20 -1.81 -6.83
C THR A 35 -24.62 -2.28 -8.14
N ASP A 36 -24.59 -1.38 -9.12
CA ASP A 36 -24.07 -1.70 -10.43
C ASP A 36 -22.63 -2.16 -10.36
N VAL A 37 -21.81 -1.44 -9.60
CA VAL A 37 -20.41 -1.78 -9.43
C VAL A 37 -20.24 -3.17 -8.78
N ILE A 38 -20.89 -3.39 -7.65
CA ILE A 38 -20.81 -4.70 -7.00
C ILE A 38 -21.18 -5.80 -7.98
N GLY A 39 -22.27 -5.62 -8.73
CA GLY A 39 -22.71 -6.61 -9.72
C GLY A 39 -21.64 -6.85 -10.75
N ARG A 40 -21.18 -5.75 -11.37
CA ARG A 40 -20.12 -5.76 -12.38
C ARG A 40 -18.88 -6.53 -11.93
N TYR A 41 -18.33 -6.16 -10.77
CA TYR A 41 -17.15 -6.89 -10.26
C TYR A 41 -17.39 -8.40 -10.23
N HIS A 42 -18.49 -8.85 -9.63
CA HIS A 42 -18.78 -10.29 -9.55
C HIS A 42 -18.91 -10.97 -10.89
N ARG A 43 -19.45 -10.26 -11.88
CA ARG A 43 -19.39 -10.70 -13.27
C ARG A 43 -17.94 -10.76 -13.80
N VAL A 44 -17.13 -9.74 -13.49
CA VAL A 44 -15.75 -9.73 -14.00
C VAL A 44 -15.05 -10.98 -13.49
N LYS A 45 -15.29 -11.33 -12.23
CA LYS A 45 -14.95 -12.66 -11.66
C LYS A 45 -15.46 -13.87 -12.46
N GLY A 46 -16.61 -13.75 -13.08
CA GLY A 46 -17.12 -14.81 -13.93
C GLY A 46 -18.15 -15.60 -13.14
N GLU A 47 -19.12 -14.88 -12.59
CA GLU A 47 -20.10 -15.47 -11.74
C GLU A 47 -21.45 -15.08 -12.31
N ARG A 48 -22.42 -15.96 -12.17
CA ARG A 48 -23.78 -15.59 -12.45
C ARG A 48 -24.17 -14.46 -11.51
N VAL A 49 -24.67 -13.36 -12.07
CA VAL A 49 -25.01 -12.17 -11.30
C VAL A 49 -26.46 -11.76 -11.61
N PHE A 50 -27.12 -11.15 -10.64
CA PHE A 50 -28.44 -10.56 -10.86
C PHE A 50 -28.55 -9.24 -10.09
N ALA A 51 -28.52 -8.12 -10.82
CA ALA A 51 -28.62 -6.79 -10.23
C ALA A 51 -30.06 -6.30 -10.35
N LEU A 52 -30.53 -5.55 -9.36
CA LEU A 52 -31.95 -5.18 -9.27
C LEU A 52 -32.08 -3.78 -8.72
N THR A 53 -32.64 -2.89 -9.53
CA THR A 53 -33.01 -1.55 -9.09
C THR A 53 -34.51 -1.49 -9.34
N GLY A 54 -35.20 -0.46 -8.84
CA GLY A 54 -36.64 -0.34 -9.10
C GLY A 54 -37.31 0.81 -8.39
N THR A 55 -38.65 0.89 -8.50
CA THR A 55 -39.43 1.98 -7.93
C THR A 55 -40.53 1.50 -6.95
N ASP A 56 -40.66 2.24 -5.84
CA ASP A 56 -41.64 2.00 -4.78
C ASP A 56 -42.80 2.98 -5.02
N GLU A 57 -43.92 2.47 -5.52
CA GLU A 57 -44.95 3.32 -6.09
C GLU A 57 -46.23 3.44 -5.25
N HIS A 58 -46.41 2.54 -4.29
CA HIS A 58 -47.60 2.59 -3.44
C HIS A 58 -47.44 3.45 -2.24
N GLY A 59 -48.55 3.69 -1.57
CA GLY A 59 -48.55 4.31 -0.27
C GLY A 59 -49.01 5.74 -0.25
N GLN A 60 -49.14 6.26 0.96
CA GLN A 60 -49.72 7.57 1.19
C GLN A 60 -48.84 8.68 0.60
N LYS A 61 -47.53 8.57 0.81
CA LYS A 61 -46.58 9.59 0.36
C LYS A 61 -46.70 9.85 -1.12
N VAL A 62 -46.77 8.78 -1.90
CA VAL A 62 -46.85 8.88 -3.35
C VAL A 62 -48.28 9.24 -3.76
N ALA A 63 -49.26 8.65 -3.09
CA ALA A 63 -50.66 8.93 -3.37
C ALA A 63 -50.89 10.43 -3.30
N GLU A 64 -50.34 11.05 -2.25
CA GLU A 64 -50.53 12.48 -2.00
C GLU A 64 -49.61 13.37 -2.86
N ALA A 65 -48.47 12.82 -3.31
CA ALA A 65 -47.62 13.56 -4.23
C ALA A 65 -48.28 13.68 -5.60
N ALA A 66 -49.05 12.65 -5.97
CA ALA A 66 -49.85 12.66 -7.19
C ALA A 66 -50.94 13.71 -7.07
N LYS A 67 -51.64 13.65 -5.95
CA LYS A 67 -52.71 14.61 -5.65
C LYS A 67 -52.24 16.07 -5.78
N GLN A 68 -51.01 16.38 -5.36
CA GLN A 68 -50.51 17.76 -5.43
C GLN A 68 -50.36 18.25 -6.88
N LYS A 69 -49.72 17.45 -7.73
CA LYS A 69 -49.58 17.81 -9.15
C LYS A 69 -50.89 17.69 -9.90
N GLN A 70 -51.86 17.06 -9.25
CA GLN A 70 -53.27 17.02 -9.68
C GLN A 70 -53.45 16.14 -10.89
N VAL A 71 -52.86 14.96 -10.81
CA VAL A 71 -53.05 13.93 -11.81
C VAL A 71 -53.30 12.57 -11.10
N SER A 72 -53.84 11.60 -11.83
CA SER A 72 -54.14 10.28 -11.28
C SER A 72 -52.85 9.55 -10.96
N PRO A 73 -52.81 8.83 -9.81
CA PRO A 73 -51.61 8.10 -9.38
C PRO A 73 -51.16 7.03 -10.37
N TYR A 74 -52.12 6.38 -11.01
CA TYR A 74 -51.83 5.41 -12.07
C TYR A 74 -50.99 6.08 -13.16
N ASP A 75 -51.42 7.26 -13.62
CA ASP A 75 -50.67 8.03 -14.63
C ASP A 75 -49.35 8.53 -14.07
N PHE A 76 -49.42 9.10 -12.87
CA PHE A 76 -48.26 9.68 -12.17
C PHE A 76 -47.11 8.70 -12.00
N THR A 77 -47.35 7.60 -11.30
CA THR A 77 -46.31 6.62 -11.04
C THR A 77 -45.66 6.09 -12.32
N THR A 78 -46.45 5.77 -13.33
CA THR A 78 -45.93 5.36 -14.63
C THR A 78 -45.06 6.47 -15.24
N ALA A 79 -45.48 7.73 -15.07
CA ALA A 79 -44.75 8.88 -15.59
C ALA A 79 -43.35 8.99 -14.98
N VAL A 80 -43.29 8.90 -13.64
CA VAL A 80 -42.06 9.11 -12.88
C VAL A 80 -41.15 7.89 -13.05
N ALA A 81 -41.71 6.70 -12.81
CA ALA A 81 -40.99 5.46 -13.12
C ALA A 81 -40.26 5.59 -14.46
N GLY A 82 -40.92 6.19 -15.45
CA GLY A 82 -40.29 6.46 -16.73
C GLY A 82 -39.08 7.39 -16.64
N GLU A 83 -39.20 8.47 -15.86
CA GLU A 83 -38.08 9.40 -15.65
C GLU A 83 -36.90 8.68 -15.03
N PHE A 84 -37.19 7.71 -14.16
CA PHE A 84 -36.18 6.87 -13.53
C PHE A 84 -35.55 5.91 -14.53
N LYS A 85 -36.37 5.10 -15.22
CA LYS A 85 -35.86 4.22 -16.27
C LYS A 85 -35.00 4.98 -17.27
N LYS A 86 -35.42 6.21 -17.61
CA LYS A 86 -34.66 7.04 -18.55
C LYS A 86 -33.28 7.41 -18.01
N CYS A 87 -33.28 7.96 -16.80
CA CYS A 87 -32.06 8.42 -16.16
C CYS A 87 -31.05 7.30 -15.92
N PHE A 88 -31.50 6.16 -15.41
CA PHE A 88 -30.60 5.04 -15.20
C PHE A 88 -30.05 4.50 -16.53
N GLU A 89 -30.86 4.56 -17.57
CA GLU A 89 -30.45 4.19 -18.92
C GLU A 89 -29.38 5.16 -19.42
N GLN A 90 -29.53 6.43 -19.07
CA GLN A 90 -28.55 7.44 -19.43
C GLN A 90 -27.23 7.22 -18.70
N MET A 91 -27.29 6.72 -17.46
CA MET A 91 -26.09 6.51 -16.65
C MET A 91 -25.26 5.28 -17.04
N ASP A 92 -25.71 4.53 -18.04
CA ASP A 92 -24.92 3.45 -18.58
C ASP A 92 -24.66 2.38 -17.54
N TYR A 93 -25.64 2.10 -16.70
CA TYR A 93 -25.55 0.99 -15.74
C TYR A 93 -25.65 -0.35 -16.46
N SER A 94 -25.53 -1.43 -15.71
CA SER A 94 -25.74 -2.78 -16.23
C SER A 94 -26.65 -3.55 -15.27
N ILE A 95 -27.76 -2.95 -14.89
CA ILE A 95 -28.73 -3.63 -14.05
C ILE A 95 -29.55 -4.55 -14.93
N ASP A 96 -29.86 -5.73 -14.41
CA ASP A 96 -30.58 -6.75 -15.17
C ASP A 96 -32.07 -6.39 -15.29
N TYR A 97 -32.72 -6.10 -14.17
CA TYR A 97 -34.15 -5.86 -14.17
C TYR A 97 -34.50 -4.66 -13.32
N PHE A 98 -35.59 -3.99 -13.71
CA PHE A 98 -36.08 -2.80 -13.04
C PHE A 98 -37.50 -3.12 -12.55
N ILE A 99 -37.72 -3.06 -11.24
CA ILE A 99 -38.94 -3.59 -10.67
C ILE A 99 -39.87 -2.46 -10.25
N ARG A 100 -41.19 -2.69 -10.39
CA ARG A 100 -42.19 -1.72 -9.93
C ARG A 100 -43.21 -2.41 -9.04
N THR A 101 -43.53 -1.78 -7.91
CA THR A 101 -44.42 -2.38 -6.94
C THR A 101 -45.88 -2.40 -7.44
N THR A 102 -46.17 -1.63 -8.50
CA THR A 102 -47.46 -1.71 -9.18
C THR A 102 -47.64 -3.00 -10.03
N ASN A 103 -46.57 -3.75 -10.23
CA ASN A 103 -46.58 -4.94 -11.07
C ASN A 103 -47.39 -6.09 -10.46
N GLU A 104 -48.18 -6.76 -11.30
CA GLU A 104 -49.17 -7.71 -10.82
C GLU A 104 -48.51 -8.92 -10.17
N GLN A 105 -47.38 -9.34 -10.75
CA GLN A 105 -46.63 -10.49 -10.22
C GLN A 105 -46.12 -10.17 -8.83
N HIS A 106 -45.64 -8.94 -8.66
CA HIS A 106 -45.21 -8.45 -7.35
C HIS A 106 -46.32 -8.56 -6.31
N LYS A 107 -47.55 -8.19 -6.68
CA LYS A 107 -48.66 -8.29 -5.74
C LYS A 107 -48.86 -9.73 -5.30
N ALA A 108 -48.90 -10.64 -6.27
CA ALA A 108 -49.07 -12.05 -5.97
C ALA A 108 -48.09 -12.45 -4.88
N VAL A 109 -46.85 -11.96 -5.00
CA VAL A 109 -45.80 -12.31 -4.04
C VAL A 109 -46.09 -11.69 -2.69
N VAL A 110 -46.36 -10.39 -2.69
CA VAL A 110 -46.67 -9.65 -1.48
C VAL A 110 -47.78 -10.33 -0.68
N LYS A 111 -48.85 -10.71 -1.37
CA LYS A 111 -49.98 -11.41 -0.77
C LYS A 111 -49.57 -12.80 -0.29
N GLU A 112 -48.76 -13.47 -1.10
CA GLU A 112 -48.28 -14.80 -0.76
C GLU A 112 -47.42 -14.74 0.51
N LEU A 113 -46.59 -13.71 0.62
CA LEU A 113 -45.75 -13.50 1.80
C LEU A 113 -46.62 -13.18 3.00
N TRP A 114 -47.64 -12.34 2.81
CA TRP A 114 -48.53 -12.00 3.90
C TRP A 114 -49.07 -13.25 4.53
N THR A 115 -49.68 -14.10 3.70
CA THR A 115 -50.37 -15.27 4.18
C THR A 115 -49.41 -16.20 4.92
N LYS A 116 -48.13 -16.20 4.51
CA LYS A 116 -47.12 -16.99 5.20
C LYS A 116 -47.01 -16.48 6.63
N LEU A 117 -46.88 -15.16 6.77
CA LEU A 117 -46.75 -14.57 8.10
C LEU A 117 -47.98 -14.88 8.94
N GLU A 118 -49.15 -14.85 8.31
CA GLU A 118 -50.40 -15.11 9.00
C GLU A 118 -50.50 -16.59 9.40
N GLN A 119 -50.08 -17.49 8.52
CA GLN A 119 -50.19 -18.92 8.82
C GLN A 119 -49.26 -19.35 9.93
N LYS A 120 -48.10 -18.70 10.08
CA LYS A 120 -47.23 -18.96 11.24
C LYS A 120 -47.62 -18.12 12.47
N GLY A 121 -48.78 -17.47 12.41
CA GLY A 121 -49.36 -16.80 13.58
C GLY A 121 -48.61 -15.59 14.11
N ASP A 122 -47.84 -14.93 13.25
CA ASP A 122 -47.05 -13.76 13.64
C ASP A 122 -47.72 -12.45 13.19
N ILE A 123 -48.97 -12.55 12.76
CA ILE A 123 -49.80 -11.37 12.46
C ILE A 123 -51.13 -11.46 13.21
N TYR A 124 -51.47 -10.38 13.92
CA TYR A 124 -52.71 -10.28 14.69
C TYR A 124 -53.32 -8.87 14.59
N LEU A 125 -54.64 -8.78 14.68
CA LEU A 125 -55.35 -7.50 14.58
C LEU A 125 -55.19 -6.69 15.86
N GLY A 126 -54.65 -5.48 15.74
CA GLY A 126 -54.42 -4.62 16.89
C GLY A 126 -54.71 -3.17 16.60
N ARG A 127 -54.06 -2.28 17.36
CA ARG A 127 -54.16 -0.84 17.13
C ARG A 127 -52.76 -0.26 17.07
N TYR A 128 -52.61 0.87 16.39
CA TYR A 128 -51.43 1.68 16.55
C TYR A 128 -51.85 3.09 16.90
N GLU A 129 -51.45 3.55 18.08
CA GLU A 129 -51.74 4.90 18.52
C GLU A 129 -50.42 5.57 18.80
N GLY A 130 -50.01 6.45 17.88
CA GLY A 130 -48.66 7.00 17.92
C GLY A 130 -48.30 7.89 16.74
N TRP A 131 -47.06 8.34 16.72
CA TRP A 131 -46.60 9.24 15.67
C TRP A 131 -46.24 8.51 14.40
N TYR A 132 -46.18 9.27 13.30
CA TYR A 132 -45.87 8.71 11.99
C TYR A 132 -45.39 9.79 11.05
N SER A 133 -44.40 9.47 10.22
CA SER A 133 -43.98 10.36 9.17
C SER A 133 -44.48 9.79 7.87
N ILE A 134 -45.27 10.58 7.16
CA ILE A 134 -45.74 10.20 5.82
C ILE A 134 -44.54 10.26 4.89
N SER A 135 -43.79 11.35 4.93
CA SER A 135 -42.62 11.51 4.05
C SER A 135 -41.62 10.36 4.13
N ASP A 136 -41.54 9.70 5.28
CA ASP A 136 -40.62 8.59 5.47
C ASP A 136 -41.36 7.28 5.63
N GLU A 137 -42.68 7.34 5.61
CA GLU A 137 -43.53 6.19 5.92
C GLU A 137 -42.95 5.38 7.08
N SER A 138 -42.63 6.07 8.18
CA SER A 138 -42.00 5.45 9.34
C SER A 138 -42.78 5.70 10.63
N PHE A 139 -43.00 4.64 11.40
CA PHE A 139 -43.50 4.75 12.77
C PHE A 139 -42.38 5.20 13.70
N LEU A 140 -42.65 6.28 14.45
CA LEU A 140 -41.68 6.94 15.31
C LEU A 140 -42.24 7.05 16.72
N THR A 141 -41.41 6.88 17.73
CA THR A 141 -41.83 7.02 19.12
C THR A 141 -41.72 8.50 19.52
N PRO A 142 -42.40 8.92 20.61
CA PRO A 142 -42.37 10.34 21.01
C PRO A 142 -40.95 10.84 21.28
N GLN A 143 -40.07 9.91 21.67
CA GLN A 143 -38.65 10.18 21.89
C GLN A 143 -37.98 10.63 20.59
N ASN A 144 -38.49 10.14 19.45
CA ASN A 144 -37.91 10.42 18.13
C ASN A 144 -38.58 11.54 17.35
N ILE A 145 -39.45 12.28 18.01
CA ILE A 145 -40.07 13.45 17.38
C ILE A 145 -39.82 14.66 18.26
N THR A 146 -39.93 15.83 17.65
CA THR A 146 -39.66 17.08 18.34
C THR A 146 -40.56 18.17 17.80
N ASP A 147 -40.45 19.36 18.37
CA ASP A 147 -41.21 20.50 17.89
C ASP A 147 -40.52 21.03 16.65
N GLY A 148 -41.26 21.74 15.80
CA GLY A 148 -40.70 22.32 14.58
C GLY A 148 -41.70 23.23 13.90
N VAL A 149 -41.65 23.29 12.58
CA VAL A 149 -42.52 24.19 11.83
C VAL A 149 -43.28 23.46 10.72
N ASP A 150 -44.56 23.79 10.63
CA ASP A 150 -45.44 23.40 9.53
C ASP A 150 -44.76 23.68 8.17
N LYS A 151 -45.21 22.99 7.12
CA LYS A 151 -44.72 23.24 5.75
C LYS A 151 -44.82 24.74 5.42
N ASP A 152 -45.75 25.42 6.07
CA ASP A 152 -45.82 26.87 6.05
C ASP A 152 -45.65 27.40 7.47
N GLY A 153 -46.57 28.25 7.94
CA GLY A 153 -46.34 28.99 9.19
C GLY A 153 -46.33 28.16 10.45
N ASN A 154 -47.44 27.47 10.69
CA ASN A 154 -47.81 26.97 12.03
C ASN A 154 -46.79 26.09 12.76
N PRO A 155 -46.81 26.11 14.10
CA PRO A 155 -46.08 25.09 14.85
C PRO A 155 -46.68 23.69 14.66
N CYS A 156 -45.80 22.70 14.65
CA CYS A 156 -46.17 21.31 14.45
C CYS A 156 -45.03 20.44 14.95
N LYS A 157 -45.23 19.13 14.91
CA LYS A 157 -44.21 18.20 15.33
C LYS A 157 -43.47 17.63 14.12
N VAL A 158 -42.14 17.54 14.20
CA VAL A 158 -41.33 16.97 13.14
C VAL A 158 -40.50 15.80 13.64
N SER A 159 -40.01 14.98 12.72
CA SER A 159 -39.12 13.87 13.03
C SER A 159 -37.70 14.36 13.31
N LEU A 160 -37.08 13.79 14.34
CA LEU A 160 -35.68 14.07 14.62
C LEU A 160 -34.81 13.39 13.57
N GLU A 161 -35.12 12.14 13.24
CA GLU A 161 -34.45 11.43 12.15
C GLU A 161 -34.33 12.28 10.87
N SER A 162 -35.47 12.78 10.39
CA SER A 162 -35.56 13.34 9.04
C SER A 162 -36.01 14.78 8.92
N GLY A 163 -36.49 15.38 10.00
CA GLY A 163 -36.97 16.78 9.98
C GLY A 163 -38.33 17.03 9.31
N HIS A 164 -39.00 15.95 8.92
CA HIS A 164 -40.27 16.04 8.19
C HIS A 164 -41.45 15.96 9.11
N VAL A 165 -42.58 16.54 8.68
CA VAL A 165 -43.77 16.63 9.54
C VAL A 165 -44.26 15.24 9.93
N VAL A 166 -44.65 15.10 11.20
CA VAL A 166 -45.30 13.89 11.68
C VAL A 166 -46.74 14.16 12.10
N THR A 167 -47.64 13.27 11.72
CA THR A 167 -49.01 13.35 12.20
C THR A 167 -49.25 12.20 13.18
N TRP A 168 -50.17 12.42 14.12
CA TRP A 168 -50.62 11.35 14.99
C TRP A 168 -51.55 10.44 14.24
N VAL A 169 -51.43 9.15 14.50
CA VAL A 169 -52.27 8.15 13.87
C VAL A 169 -52.89 7.29 14.96
N SER A 170 -54.20 7.06 14.84
CA SER A 170 -54.92 6.20 15.77
C SER A 170 -55.86 5.25 15.02
N GLU A 171 -55.27 4.19 14.46
CA GLU A 171 -56.01 3.23 13.63
C GLU A 171 -55.93 1.82 14.19
N GLU A 172 -56.97 1.04 13.92
CA GLU A 172 -56.94 -0.38 14.14
C GLU A 172 -56.17 -1.04 12.99
N ASN A 173 -54.94 -1.44 13.24
CA ASN A 173 -54.13 -2.11 12.22
C ASN A 173 -53.86 -3.58 12.54
N TYR A 174 -53.43 -4.31 11.51
CA TYR A 174 -52.88 -5.65 11.68
C TYR A 174 -51.43 -5.50 12.15
N MET A 175 -51.06 -6.29 13.15
CA MET A 175 -49.81 -6.10 13.85
C MET A 175 -48.92 -7.30 13.67
N PHE A 176 -47.65 -7.05 13.36
CA PHE A 176 -46.64 -8.10 13.24
C PHE A 176 -45.91 -8.24 14.56
N ARG A 177 -45.69 -9.48 15.00
CA ARG A 177 -45.06 -9.73 16.31
C ARG A 177 -43.55 -9.51 16.26
N LEU A 178 -43.13 -8.33 15.82
CA LEU A 178 -41.70 -8.00 15.71
C LEU A 178 -40.99 -8.19 17.04
N SER A 179 -41.68 -7.85 18.13
CA SER A 179 -41.15 -8.05 19.49
C SER A 179 -40.66 -9.49 19.81
N ALA A 180 -41.28 -10.49 19.19
CA ALA A 180 -40.89 -11.88 19.42
C ALA A 180 -39.57 -12.27 18.74
N PHE A 181 -39.13 -11.48 17.75
CA PHE A 181 -37.91 -11.78 16.99
C PHE A 181 -36.69 -10.96 17.46
N ARG A 182 -36.74 -10.42 18.69
CA ARG A 182 -35.62 -9.65 19.22
C ARG A 182 -34.43 -10.55 19.47
N GLU A 183 -34.66 -11.63 20.18
CA GLU A 183 -33.58 -12.53 20.58
C GLU A 183 -32.97 -13.19 19.36
N ARG A 184 -33.80 -13.61 18.41
CA ARG A 184 -33.31 -14.30 17.21
C ARG A 184 -32.61 -13.34 16.26
N LEU A 185 -32.92 -12.05 16.35
CA LEU A 185 -32.21 -11.04 15.57
C LEU A 185 -30.80 -10.83 16.12
N LEU A 186 -30.70 -10.69 17.45
CA LEU A 186 -29.40 -10.52 18.11
C LEU A 186 -28.45 -11.71 17.92
N GLU A 187 -28.97 -12.92 17.76
CA GLU A 187 -28.13 -14.07 17.46
C GLU A 187 -27.57 -13.96 16.05
N TRP A 188 -28.39 -13.42 15.14
CA TRP A 188 -28.01 -13.23 13.74
C TRP A 188 -27.00 -12.13 13.59
N TYR A 189 -27.16 -11.06 14.36
CA TYR A 189 -26.20 -9.98 14.30
C TYR A 189 -24.82 -10.50 14.73
N HIS A 190 -24.80 -11.44 15.69
CA HIS A 190 -23.56 -12.01 16.24
C HIS A 190 -22.99 -13.11 15.37
N ALA A 191 -23.81 -14.14 15.16
CA ALA A 191 -23.46 -15.25 14.28
C ALA A 191 -22.79 -14.74 13.00
N ASN A 192 -23.24 -13.59 12.51
CA ASN A 192 -22.73 -13.01 11.27
C ASN A 192 -22.23 -11.59 11.46
N PRO A 193 -21.07 -11.42 12.10
CA PRO A 193 -20.63 -10.10 12.54
C PRO A 193 -20.07 -9.18 11.43
N GLY A 194 -20.24 -9.56 10.18
CA GLY A 194 -19.94 -8.69 9.05
C GLY A 194 -21.14 -8.55 8.13
N CYS A 195 -22.33 -8.80 8.68
CA CYS A 195 -23.56 -8.83 7.90
C CYS A 195 -24.20 -7.47 7.76
N ILE A 196 -23.77 -6.50 8.58
CA ILE A 196 -24.12 -5.09 8.38
C ILE A 196 -22.85 -4.26 8.22
N VAL A 197 -22.67 -3.62 7.07
CA VAL A 197 -21.51 -2.77 6.83
C VAL A 197 -22.04 -1.34 6.70
N PRO A 198 -21.27 -0.30 7.11
CA PRO A 198 -20.03 -0.32 7.88
C PRO A 198 -20.27 -0.65 9.34
N GLU A 199 -19.20 -0.97 10.06
CA GLU A 199 -19.30 -1.56 11.38
C GLU A 199 -20.11 -0.67 12.32
N PHE A 200 -19.88 0.64 12.32
CA PHE A 200 -20.59 1.49 13.29
C PHE A 200 -22.11 1.52 13.07
N ARG A 201 -22.54 1.41 11.81
CA ARG A 201 -23.96 1.24 11.52
C ARG A 201 -24.47 -0.11 12.06
N ARG A 202 -23.60 -1.11 12.11
CA ARG A 202 -23.96 -2.40 12.72
C ARG A 202 -24.17 -2.27 14.24
N ARG A 203 -23.32 -1.47 14.89
CA ARG A 203 -23.44 -1.24 16.31
C ARG A 203 -24.72 -0.48 16.64
N GLU A 204 -25.06 0.52 15.84
CA GLU A 204 -26.39 1.16 15.92
C GLU A 204 -27.54 0.17 15.94
N VAL A 205 -27.55 -0.75 14.99
CA VAL A 205 -28.68 -1.66 14.84
C VAL A 205 -28.83 -2.57 16.07
N ILE A 206 -27.69 -3.09 16.54
CA ILE A 206 -27.66 -3.97 17.69
C ILE A 206 -28.14 -3.24 18.95
N ARG A 207 -27.62 -2.03 19.13
CA ARG A 207 -27.97 -1.18 20.26
C ARG A 207 -29.48 -0.92 20.29
N ALA A 208 -30.08 -0.70 19.12
CA ALA A 208 -31.52 -0.48 19.02
C ALA A 208 -32.28 -1.75 19.43
N VAL A 209 -31.99 -2.86 18.77
CA VAL A 209 -32.67 -4.12 19.02
C VAL A 209 -32.48 -4.59 20.48
N GLU A 210 -31.36 -4.21 21.07
CA GLU A 210 -31.09 -4.58 22.45
C GLU A 210 -32.06 -3.88 23.41
N LYS A 211 -32.33 -2.60 23.18
CA LYS A 211 -33.26 -1.84 24.02
C LYS A 211 -34.59 -2.58 24.16
N GLY A 212 -35.14 -2.96 23.02
CA GLY A 212 -36.44 -3.63 22.95
C GLY A 212 -37.12 -3.25 21.65
N LEU A 213 -38.02 -4.10 21.20
CA LEU A 213 -38.73 -3.88 19.95
C LEU A 213 -40.24 -3.93 20.17
N PRO A 214 -40.98 -2.91 19.67
CA PRO A 214 -42.43 -2.98 19.72
C PRO A 214 -42.92 -3.92 18.64
N ASP A 215 -44.22 -4.14 18.57
CA ASP A 215 -44.80 -4.79 17.41
C ASP A 215 -44.99 -3.73 16.31
N LEU A 216 -45.20 -4.18 15.08
CA LEU A 216 -45.17 -3.32 13.92
C LEU A 216 -46.50 -3.34 13.21
N SER A 217 -47.03 -2.15 12.90
CA SER A 217 -48.22 -2.03 12.09
C SER A 217 -47.87 -2.36 10.65
N VAL A 218 -48.39 -3.48 10.16
CA VAL A 218 -48.17 -3.91 8.78
C VAL A 218 -49.41 -3.71 7.89
N SER A 219 -50.50 -3.21 8.46
CA SER A 219 -51.67 -2.77 7.67
C SER A 219 -52.10 -1.35 8.03
N ARG A 220 -52.88 -0.73 7.16
CA ARG A 220 -53.39 0.63 7.39
C ARG A 220 -54.81 0.77 6.86
N ALA A 221 -55.61 1.60 7.54
CA ALA A 221 -56.95 1.93 7.10
C ALA A 221 -56.93 2.41 5.64
N ARG A 222 -57.60 1.64 4.78
CA ARG A 222 -57.73 1.93 3.35
C ARG A 222 -57.91 3.41 3.01
N ALA A 223 -58.75 4.10 3.77
CA ALA A 223 -59.01 5.53 3.54
C ALA A 223 -57.74 6.35 3.65
N THR A 224 -57.00 6.17 4.74
CA THR A 224 -55.79 6.93 5.01
C THR A 224 -54.86 6.96 3.79
N LEU A 225 -54.78 5.83 3.10
CA LEU A 225 -53.88 5.64 1.96
C LEU A 225 -54.48 6.03 0.62
N HIS A 226 -55.70 6.57 0.61
CA HIS A 226 -56.39 6.86 -0.64
C HIS A 226 -56.45 5.64 -1.53
N ASN A 227 -56.64 4.47 -0.91
CA ASN A 227 -56.78 3.18 -1.63
C ASN A 227 -55.64 2.85 -2.60
N TRP A 228 -54.47 3.42 -2.36
CA TRP A 228 -53.32 3.31 -3.26
C TRP A 228 -52.26 2.45 -2.61
N ALA A 229 -52.58 1.17 -2.49
CA ALA A 229 -51.70 0.18 -1.86
C ALA A 229 -52.23 -1.20 -2.17
N ILE A 230 -51.57 -2.23 -1.65
CA ILE A 230 -52.00 -3.62 -1.91
C ILE A 230 -52.96 -4.11 -0.84
N PRO A 231 -54.18 -4.50 -1.22
CA PRO A 231 -55.19 -5.07 -0.29
C PRO A 231 -54.67 -6.20 0.59
N VAL A 232 -54.98 -6.14 1.88
CA VAL A 232 -54.67 -7.24 2.75
C VAL A 232 -55.56 -8.41 2.36
N PRO A 233 -54.99 -9.61 2.23
CA PRO A 233 -55.83 -10.76 1.90
C PRO A 233 -56.91 -11.02 2.93
N GLY A 234 -58.12 -11.28 2.46
CA GLY A 234 -59.26 -11.61 3.32
C GLY A 234 -59.93 -10.41 3.97
N ASN A 235 -59.39 -9.20 3.75
CA ASN A 235 -59.93 -7.99 4.37
C ASN A 235 -59.69 -6.72 3.52
N PRO A 236 -60.62 -6.44 2.58
CA PRO A 236 -60.50 -5.24 1.72
C PRO A 236 -60.44 -3.92 2.46
N ASP A 237 -60.90 -3.88 3.71
CA ASP A 237 -60.83 -2.66 4.52
C ASP A 237 -59.38 -2.17 4.72
N HIS A 238 -58.42 -3.09 4.64
CA HIS A 238 -57.00 -2.78 4.88
C HIS A 238 -56.14 -2.81 3.64
N VAL A 240 -51.67 -3.20 2.78
CA VAL A 240 -50.39 -3.59 3.37
C VAL A 240 -49.39 -2.44 3.48
N TYR A 241 -48.73 -2.36 4.62
CA TYR A 241 -47.76 -1.31 4.91
C TYR A 241 -46.84 -1.18 3.71
N VAL A 242 -46.77 0.02 3.15
CA VAL A 242 -45.94 0.28 1.98
C VAL A 242 -44.53 -0.29 2.09
N TRP A 243 -43.99 -0.37 3.31
CA TRP A 243 -42.65 -0.94 3.51
C TRP A 243 -42.60 -2.43 3.34
N LEU A 244 -43.59 -3.16 3.86
CA LEU A 244 -43.63 -4.61 3.66
C LEU A 244 -43.74 -4.88 2.16
N ASP A 245 -44.71 -4.21 1.53
CA ASP A 245 -44.83 -4.14 0.07
C ASP A 245 -43.46 -3.95 -0.60
N ALA A 246 -42.71 -2.91 -0.21
CA ALA A 246 -41.42 -2.58 -0.83
C ALA A 246 -40.31 -3.60 -0.54
N LEU A 247 -40.16 -3.98 0.72
CA LEU A 247 -39.18 -5.00 1.13
C LEU A 247 -39.42 -6.34 0.44
N THR A 248 -40.65 -6.61 0.04
CA THR A 248 -40.93 -7.83 -0.70
C THR A 248 -40.44 -7.71 -2.13
N ASN A 249 -39.98 -6.54 -2.57
CA ASN A 249 -39.52 -6.42 -3.95
C ASN A 249 -38.36 -7.38 -4.18
N TYR A 250 -37.49 -7.47 -3.19
CA TYR A 250 -36.31 -8.31 -3.30
C TYR A 250 -36.64 -9.78 -3.59
N LEU A 251 -37.70 -10.28 -2.94
CA LEU A 251 -38.15 -11.66 -3.10
C LEU A 251 -38.82 -11.87 -4.47
N THR A 252 -39.69 -10.93 -4.83
CA THR A 252 -40.31 -10.92 -6.16
C THR A 252 -39.27 -10.94 -7.27
N GLY A 253 -38.33 -10.00 -7.24
CA GLY A 253 -37.28 -9.90 -8.26
C GLY A 253 -36.43 -11.15 -8.35
N SER A 254 -36.27 -11.84 -7.21
CA SER A 254 -35.58 -13.11 -7.17
C SER A 254 -36.33 -14.24 -7.84
N ARG A 255 -37.60 -13.99 -8.19
CA ARG A 255 -38.51 -15.00 -8.71
C ARG A 255 -39.03 -14.70 -10.12
N LEU A 256 -38.46 -13.71 -10.80
CA LEU A 256 -38.93 -13.29 -12.14
C LEU A 256 -37.99 -13.70 -13.29
N ARG A 257 -38.43 -14.64 -14.13
CA ARG A 257 -37.70 -14.94 -15.37
C ARG A 257 -37.82 -13.74 -16.30
N VAL A 258 -36.70 -13.32 -16.87
CA VAL A 258 -36.63 -12.05 -17.59
C VAL A 258 -36.10 -12.22 -19.01
N ASP A 259 -36.81 -11.66 -19.99
CA ASP A 259 -36.39 -11.75 -21.40
C ASP A 259 -35.27 -10.75 -21.73
N GLU A 260 -34.69 -10.88 -22.93
CA GLU A 260 -33.52 -10.07 -23.34
C GLU A 260 -33.86 -8.60 -23.41
N SER A 261 -35.07 -8.28 -23.89
CA SER A 261 -35.56 -6.90 -23.94
C SER A 261 -35.75 -6.28 -22.54
N GLY A 262 -35.58 -7.08 -21.49
CA GLY A 262 -35.60 -6.59 -20.12
C GLY A 262 -36.98 -6.59 -19.47
N LYS A 263 -38.02 -6.95 -20.23
CA LYS A 263 -39.36 -7.07 -19.67
C LYS A 263 -39.48 -8.39 -18.89
N GLU A 264 -40.13 -8.32 -17.73
CA GLU A 264 -40.50 -9.53 -16.97
C GLU A 264 -41.39 -10.41 -17.81
N VAL A 265 -41.13 -11.71 -17.79
CA VAL A 265 -41.93 -12.63 -18.60
C VAL A 265 -42.59 -13.74 -17.80
N SER A 266 -42.26 -13.92 -16.52
CA SER A 266 -42.88 -14.97 -15.72
C SER A 266 -42.45 -14.94 -14.27
N LEU A 267 -43.41 -15.16 -13.38
CA LEU A 267 -43.10 -15.27 -11.96
C LEU A 267 -43.10 -16.73 -11.57
N VAL A 268 -41.99 -17.20 -11.03
CA VAL A 268 -41.84 -18.60 -10.65
C VAL A 268 -42.52 -18.87 -9.31
N ASP A 269 -42.84 -20.13 -9.05
CA ASP A 269 -43.43 -20.52 -7.76
C ASP A 269 -42.47 -20.35 -6.60
N ASP A 270 -41.27 -20.90 -6.75
CA ASP A 270 -40.32 -21.08 -5.65
C ASP A 270 -39.03 -20.30 -5.91
N PHE A 271 -38.47 -19.67 -4.87
CA PHE A 271 -37.27 -18.84 -5.03
C PHE A 271 -36.01 -19.62 -5.49
N ASN A 272 -35.97 -20.92 -5.18
CA ASN A 272 -34.82 -21.78 -5.50
C ASN A 272 -34.64 -22.03 -6.99
N GLU A 273 -35.74 -21.86 -7.71
CA GLU A 273 -35.80 -22.18 -9.12
C GLU A 273 -34.92 -21.25 -9.93
N LEU A 274 -34.64 -20.05 -9.42
CA LEU A 274 -33.68 -19.14 -10.06
C LEU A 274 -32.35 -18.97 -9.28
N GLU A 275 -32.30 -19.50 -8.06
CA GLU A 275 -31.09 -19.50 -7.23
C GLU A 275 -30.50 -18.11 -6.99
N ARG A 276 -31.35 -17.13 -6.71
CA ARG A 276 -30.88 -15.75 -6.45
C ARG A 276 -31.10 -15.37 -4.99
N PHE A 277 -32.30 -15.62 -4.51
CA PHE A 277 -32.62 -15.40 -3.10
C PHE A 277 -31.88 -16.43 -2.24
N PRO A 278 -31.38 -16.01 -1.06
CA PRO A 278 -31.35 -14.67 -0.46
C PRO A 278 -30.26 -13.76 -1.01
N ALA A 279 -30.53 -12.47 -1.06
CA ALA A 279 -29.59 -11.46 -1.59
C ALA A 279 -28.23 -11.47 -0.93
N ASP A 280 -27.17 -11.54 -1.73
CA ASP A 280 -25.81 -11.52 -1.21
C ASP A 280 -25.42 -10.17 -0.62
N VAL A 281 -25.89 -9.11 -1.28
CA VAL A 281 -25.72 -7.74 -0.81
C VAL A 281 -27.03 -6.97 -0.99
N HIS A 282 -27.39 -6.17 0.01
CA HIS A 282 -28.42 -5.16 -0.16
C HIS A 282 -27.78 -3.80 -0.02
N VAL A 283 -27.57 -3.07 -1.12
CA VAL A 283 -27.14 -1.70 -1.01
C VAL A 283 -28.34 -0.89 -0.56
N ILE A 284 -28.14 -0.04 0.45
CA ILE A 284 -29.15 0.95 0.91
C ILE A 284 -28.46 2.19 1.50
N GLY A 285 -29.22 3.23 1.77
CA GLY A 285 -28.71 4.42 2.46
C GLY A 285 -28.96 4.41 3.96
N LYS A 286 -28.23 5.23 4.70
CA LYS A 286 -28.32 5.30 6.17
C LYS A 286 -29.78 5.43 6.65
N ASP A 287 -30.52 6.27 5.92
CA ASP A 287 -31.90 6.65 6.28
C ASP A 287 -32.91 5.51 6.31
N ILE A 288 -32.63 4.39 5.63
CA ILE A 288 -33.60 3.30 5.57
C ILE A 288 -33.07 2.00 6.21
N LEU A 289 -32.19 2.16 7.19
CA LEU A 289 -31.49 1.04 7.83
C LEU A 289 -32.40 0.09 8.60
N LYS A 290 -33.29 0.61 9.43
CA LYS A 290 -34.06 -0.28 10.30
C LYS A 290 -34.97 -1.25 9.52
N PHE A 291 -35.48 -0.79 8.38
CA PHE A 291 -36.38 -1.63 7.58
C PHE A 291 -35.61 -2.86 7.09
N HIS A 292 -34.39 -2.63 6.62
CA HIS A 292 -33.56 -3.70 6.09
C HIS A 292 -32.86 -4.51 7.14
N ALA A 293 -32.50 -3.89 8.25
CA ALA A 293 -31.67 -4.56 9.26
C ALA A 293 -32.47 -5.15 10.42
N ILE A 294 -33.73 -4.77 10.57
CA ILE A 294 -34.58 -5.22 11.68
C ILE A 294 -35.87 -5.85 11.17
N TYR A 295 -36.66 -5.07 10.46
CA TYR A 295 -37.95 -5.53 9.96
C TYR A 295 -37.77 -6.70 8.98
N TRP A 296 -37.01 -6.44 7.95
CA TRP A 296 -36.81 -7.37 6.84
C TRP A 296 -36.38 -8.75 7.28
N PRO A 297 -35.33 -8.85 8.10
CA PRO A 297 -34.95 -10.15 8.63
C PRO A 297 -36.01 -10.78 9.55
N ALA A 298 -36.73 -9.95 10.30
CA ALA A 298 -37.78 -10.44 11.18
C ALA A 298 -38.88 -11.07 10.35
N PHE A 299 -39.24 -10.41 9.25
CA PHE A 299 -40.25 -10.94 8.33
C PHE A 299 -39.77 -12.27 7.80
N LEU A 300 -38.57 -12.27 7.22
CA LEU A 300 -38.04 -13.45 6.56
C LEU A 300 -37.97 -14.63 7.52
N LEU A 301 -37.47 -14.39 8.73
CA LEU A 301 -37.48 -15.45 9.77
C LEU A 301 -38.88 -15.97 10.02
N SER A 302 -39.85 -15.07 10.16
CA SER A 302 -41.23 -15.46 10.40
C SER A 302 -41.66 -16.43 9.34
N ALA A 303 -41.44 -16.04 8.09
CA ALA A 303 -41.90 -16.81 6.95
C ALA A 303 -40.98 -17.98 6.60
N GLY A 304 -39.95 -18.21 7.41
CA GLY A 304 -39.03 -19.32 7.19
C GLY A 304 -38.22 -19.28 5.91
N LEU A 305 -37.96 -18.08 5.38
CA LEU A 305 -37.08 -17.90 4.22
C LEU A 305 -35.68 -17.59 4.73
N PRO A 306 -34.66 -17.73 3.86
CA PRO A 306 -33.31 -17.43 4.31
C PRO A 306 -33.07 -15.95 4.40
N LEU A 307 -32.20 -15.54 5.32
CA LEU A 307 -31.85 -14.12 5.50
C LEU A 307 -30.68 -13.81 4.59
N PRO A 308 -30.53 -12.52 4.22
CA PRO A 308 -29.42 -12.06 3.36
C PRO A 308 -28.05 -12.16 4.00
N LYS A 309 -27.03 -11.86 3.20
CA LYS A 309 -25.67 -12.05 3.65
C LYS A 309 -25.07 -10.75 4.15
N LYS A 310 -25.35 -9.66 3.43
CA LYS A 310 -24.73 -8.37 3.75
C LYS A 310 -25.68 -7.21 3.45
N ILE A 311 -25.64 -6.19 4.31
CA ILE A 311 -26.37 -4.96 4.08
C ILE A 311 -25.36 -3.83 4.22
N VAL A 312 -25.09 -3.12 3.15
CA VAL A 312 -24.16 -2.00 3.16
C VAL A 312 -24.94 -0.71 3.10
N ALA A 313 -24.89 0.09 4.17
CA ALA A 313 -25.56 1.38 4.23
C ALA A 313 -24.56 2.52 4.00
N HIS A 314 -24.91 3.47 3.12
CA HIS A 314 -24.06 4.63 2.83
C HIS A 314 -24.63 5.94 3.33
N GLY A 315 -23.92 7.04 3.12
CA GLY A 315 -24.37 8.38 3.56
C GLY A 315 -25.00 9.24 2.47
N TRP A 316 -25.33 10.48 2.82
CA TRP A 316 -25.98 11.42 1.90
C TRP A 316 -25.05 12.54 1.47
N TRP A 317 -25.17 12.92 0.20
CA TRP A 317 -24.23 13.86 -0.44
C TRP A 317 -24.49 15.32 -0.19
N THR A 318 -23.51 16.12 -0.60
CA THR A 318 -23.64 17.59 -0.61
C THR A 318 -22.94 18.14 -1.85
N LYS A 319 -23.00 19.46 -2.01
CA LYS A 319 -22.24 20.16 -3.05
C LYS A 319 -21.77 21.51 -2.52
N ASP A 320 -20.45 21.70 -2.47
CA ASP A 320 -19.81 22.91 -1.90
C ASP A 320 -20.13 23.10 -0.40
N ARG A 321 -20.21 21.99 0.33
CA ARG A 321 -20.51 21.94 1.78
C ARG A 321 -21.92 22.46 2.16
N LYS A 322 -22.82 22.55 1.19
CA LYS A 322 -24.22 22.90 1.43
C LYS A 322 -25.11 21.75 0.93
N LYS A 323 -26.06 21.32 1.77
CA LYS A 323 -26.95 20.19 1.44
C LYS A 323 -27.65 20.40 0.10
N ILE A 324 -28.06 19.31 -0.55
CA ILE A 324 -28.57 19.40 -1.91
C ILE A 324 -30.07 19.74 -1.94
N SER A 325 -30.42 20.73 -2.75
CA SER A 325 -31.80 21.17 -2.93
C SER A 325 -31.94 21.98 -4.22
N LYS A 326 -32.89 21.59 -5.07
CA LYS A 326 -33.19 22.32 -6.32
C LYS A 326 -33.70 23.74 -6.06
N SER A 327 -34.37 23.91 -4.92
CA SER A 327 -35.02 25.17 -4.54
C SER A 327 -34.10 26.17 -3.83
N LEU A 328 -33.10 25.68 -3.10
CA LEU A 328 -32.29 26.55 -2.23
C LEU A 328 -30.94 27.04 -2.86
N GLY A 329 -30.81 26.93 -4.18
CA GLY A 329 -29.67 27.49 -4.91
C GLY A 329 -28.51 26.53 -5.23
N ASN A 330 -28.60 25.28 -4.76
CA ASN A 330 -27.51 24.30 -4.89
C ASN A 330 -27.96 22.94 -5.45
N VAL A 331 -27.93 22.80 -6.76
CA VAL A 331 -28.37 21.57 -7.45
C VAL A 331 -27.15 20.76 -7.88
N PHE A 332 -27.35 19.48 -8.14
CA PHE A 332 -26.27 18.61 -8.60
C PHE A 332 -26.78 17.50 -9.53
N ASP A 333 -26.92 17.83 -10.81
CA ASP A 333 -27.50 16.93 -11.80
C ASP A 333 -26.43 15.96 -12.34
N PRO A 334 -26.57 14.66 -12.03
CA PRO A 334 -25.54 13.72 -12.44
C PRO A 334 -25.41 13.55 -13.96
N VAL A 335 -26.52 13.47 -14.68
CA VAL A 335 -26.49 13.32 -16.14
C VAL A 335 -25.78 14.51 -16.81
N GLU A 336 -25.89 15.68 -16.20
CA GLU A 336 -25.28 16.91 -16.72
C GLU A 336 -23.78 16.98 -16.43
N LYS A 337 -23.42 16.66 -15.19
CA LYS A 337 -22.02 16.58 -14.79
C LYS A 337 -21.34 15.37 -15.43
N ALA A 338 -22.10 14.33 -15.74
CA ALA A 338 -21.57 13.19 -16.48
C ALA A 338 -21.26 13.61 -17.91
N GLU A 339 -22.13 14.42 -18.50
CA GLU A 339 -21.90 14.94 -19.85
C GLU A 339 -20.78 15.99 -19.89
N GLU A 340 -20.45 16.57 -18.74
CA GLU A 340 -19.43 17.61 -18.65
C GLU A 340 -18.03 17.02 -18.52
N PHE A 341 -17.88 16.10 -17.56
CA PHE A 341 -16.58 15.53 -17.17
C PHE A 341 -16.33 14.11 -17.68
N GLY A 342 -17.39 13.43 -18.12
CA GLY A 342 -17.29 12.04 -18.55
C GLY A 342 -18.09 11.17 -17.60
N TYR A 343 -18.73 10.13 -18.14
CA TYR A 343 -19.58 9.25 -17.33
C TYR A 343 -18.74 8.36 -16.41
N ASP A 344 -17.72 7.73 -16.96
CA ASP A 344 -16.82 6.93 -16.13
C ASP A 344 -16.11 7.79 -15.08
N ALA A 345 -15.66 8.99 -15.49
CA ALA A 345 -14.96 9.89 -14.56
C ALA A 345 -15.82 10.28 -13.37
N LEU A 346 -17.06 10.65 -13.64
CA LEU A 346 -18.00 11.02 -12.59
C LEU A 346 -18.25 9.85 -11.64
N LYS A 347 -18.43 8.64 -12.18
CA LYS A 347 -18.65 7.46 -11.34
C LYS A 347 -17.47 7.26 -10.41
N TYR A 348 -16.26 7.37 -10.97
CA TYR A 348 -15.01 7.26 -10.21
C TYR A 348 -15.03 8.23 -9.04
N PHE A 349 -15.25 9.50 -9.35
CA PHE A 349 -15.24 10.49 -8.30
C PHE A 349 -16.21 10.14 -7.16
N LEU A 350 -17.43 9.76 -7.51
CA LEU A 350 -18.44 9.42 -6.50
C LEU A 350 -18.04 8.21 -5.67
N LEU A 351 -17.43 7.24 -6.33
CA LEU A 351 -17.00 6.04 -5.66
C LEU A 351 -15.70 6.24 -4.88
N ARG A 352 -14.88 7.20 -5.33
CA ARG A 352 -13.55 7.42 -4.77
C ARG A 352 -13.55 8.43 -3.63
N GLU A 353 -14.23 9.55 -3.86
CA GLU A 353 -14.19 10.69 -2.93
C GLU A 353 -14.73 10.36 -1.55
N SER A 354 -15.72 9.47 -1.49
CA SER A 354 -16.34 9.16 -0.22
C SER A 354 -16.64 7.69 -0.06
N GLY A 355 -16.21 7.18 1.09
CA GLY A 355 -16.56 5.85 1.55
C GLY A 355 -17.86 5.85 2.31
N PHE A 356 -18.30 4.64 2.66
CA PHE A 356 -19.65 4.39 3.17
C PHE A 356 -19.89 4.90 4.58
N SER A 357 -18.83 5.14 5.32
CA SER A 357 -18.92 5.75 6.64
C SER A 357 -19.03 7.28 6.59
N ASP A 358 -19.06 7.88 5.39
CA ASP A 358 -18.95 9.34 5.24
C ASP A 358 -20.09 9.95 4.41
N ASP A 359 -20.39 11.21 4.70
CA ASP A 359 -21.33 12.04 3.91
C ASP A 359 -20.50 12.90 2.97
N GLY A 360 -20.32 12.45 1.73
CA GLY A 360 -19.33 13.02 0.80
C GLY A 360 -19.54 14.47 0.38
N ASP A 361 -18.51 15.05 -0.24
CA ASP A 361 -18.61 16.41 -0.77
C ASP A 361 -18.04 16.54 -2.20
N TYR A 362 -18.95 16.65 -3.17
CA TYR A 362 -18.56 17.00 -4.53
C TYR A 362 -18.23 18.49 -4.63
N SER A 363 -17.27 18.83 -5.49
CA SER A 363 -17.08 20.19 -5.98
C SER A 363 -16.35 20.13 -7.31
N ASP A 364 -16.63 21.08 -8.20
CA ASP A 364 -15.93 21.10 -9.48
C ASP A 364 -14.41 21.14 -9.25
N LYS A 365 -13.99 21.81 -8.17
CA LYS A 365 -12.58 21.85 -7.77
C LYS A 365 -11.96 20.45 -7.60
N ASN A 366 -12.53 19.65 -6.70
CA ASN A 366 -12.00 18.29 -6.41
C ASN A 366 -12.26 17.32 -7.54
N MET A 367 -13.38 17.49 -8.25
CA MET A 367 -13.66 16.68 -9.43
C MET A 367 -12.52 16.80 -10.44
N ILE A 368 -12.08 18.02 -10.74
CA ILE A 368 -10.94 18.24 -11.61
C ILE A 368 -9.65 17.73 -10.97
N ALA A 369 -9.46 17.99 -9.68
CA ALA A 369 -8.26 17.56 -8.98
C ALA A 369 -8.03 16.06 -9.18
N ARG A 370 -9.06 15.26 -8.87
CA ARG A 370 -8.99 13.80 -9.00
C ARG A 370 -8.98 13.32 -10.45
N LEU A 371 -9.69 14.03 -11.32
CA LEU A 371 -9.65 13.72 -12.74
C LEU A 371 -8.25 13.97 -13.30
N ASN A 372 -7.63 15.10 -12.98
CA ASN A 372 -6.31 15.41 -13.52
C ASN A 372 -5.24 14.59 -12.84
N GLY A 373 -5.23 14.63 -11.51
CA GLY A 373 -4.27 13.87 -10.73
C GLY A 373 -4.28 12.38 -10.98
N GLU A 374 -5.43 11.75 -10.78
CA GLU A 374 -5.50 10.29 -10.80
C GLU A 374 -5.85 9.71 -12.16
N LEU A 375 -7.00 10.08 -12.69
CA LEU A 375 -7.44 9.50 -13.95
C LEU A 375 -6.49 9.88 -15.08
N ALA A 376 -6.22 11.17 -15.25
CA ALA A 376 -5.34 11.64 -16.32
C ALA A 376 -3.88 11.28 -16.07
N ASP A 377 -3.32 11.76 -14.96
CA ASP A 377 -1.87 11.68 -14.75
C ASP A 377 -1.36 10.31 -14.32
N THR A 378 -1.98 9.68 -13.32
CA THR A 378 -1.51 8.36 -12.90
C THR A 378 -1.83 7.36 -14.01
N LEU A 379 -3.12 7.08 -14.21
CA LEU A 379 -3.54 6.00 -15.11
C LEU A 379 -3.33 6.35 -16.58
N GLY A 380 -3.87 7.49 -16.99
CA GLY A 380 -3.73 7.97 -18.38
C GLY A 380 -2.30 7.98 -18.90
N ASN A 381 -1.38 8.60 -18.17
CA ASN A 381 0.01 8.61 -18.62
C ASN A 381 0.60 7.20 -18.70
N LEU A 382 0.22 6.34 -17.77
CA LEU A 382 0.74 4.98 -17.73
C LEU A 382 0.38 4.19 -19.00
N VAL A 383 -0.88 4.27 -19.45
CA VAL A 383 -1.30 3.55 -20.66
C VAL A 383 -0.69 4.16 -21.92
N MET A 384 -0.56 5.48 -21.95
CA MET A 384 0.02 6.17 -23.13
C MET A 384 1.52 5.97 -23.24
N ARG A 385 2.17 5.73 -22.10
CA ARG A 385 3.61 5.49 -22.09
C ARG A 385 3.91 4.11 -22.65
N CYS A 386 3.34 3.08 -22.03
CA CYS A 386 3.68 1.70 -22.38
C CYS A 386 3.13 1.24 -23.74
N THR A 387 2.44 2.15 -24.46
CA THR A 387 1.89 1.85 -25.77
C THR A 387 2.28 2.89 -26.84
N SER A 388 3.23 3.77 -26.55
CA SER A 388 3.69 4.74 -27.55
C SER A 388 4.63 4.08 -28.56
N ALA A 389 4.79 4.70 -29.72
CA ALA A 389 5.73 4.22 -30.74
C ALA A 389 7.15 4.43 -30.24
N LYS A 390 7.33 5.53 -29.49
CA LYS A 390 8.61 5.90 -28.89
C LYS A 390 9.27 4.76 -28.08
N ILE A 391 8.55 4.23 -27.09
CA ILE A 391 9.09 3.23 -26.16
C ILE A 391 8.82 1.80 -26.64
N ASN A 392 7.61 1.56 -27.11
CA ASN A 392 7.21 0.26 -27.61
C ASN A 392 7.36 0.24 -29.13
N VAL A 393 8.60 0.15 -29.58
CA VAL A 393 8.93 0.31 -31.01
C VAL A 393 8.31 -0.75 -31.92
N ASN A 394 8.07 -1.95 -31.39
CA ASN A 394 7.49 -3.05 -32.19
C ASN A 394 5.97 -3.19 -32.04
N GLY A 395 5.36 -2.28 -31.27
CA GLY A 395 3.92 -2.31 -31.03
C GLY A 395 3.38 -3.66 -30.58
N GLU A 396 4.13 -4.32 -29.70
CA GLU A 396 3.75 -5.64 -29.22
C GLU A 396 4.08 -5.81 -27.75
N TRP A 397 3.72 -6.98 -27.24
CA TRP A 397 4.11 -7.38 -25.90
C TRP A 397 5.44 -8.05 -25.98
N PRO A 398 6.50 -7.38 -25.52
CA PRO A 398 7.82 -8.02 -25.56
C PRO A 398 8.00 -9.20 -24.60
N SER A 399 8.89 -10.12 -24.97
CA SER A 399 9.21 -11.28 -24.15
C SER A 399 10.26 -10.89 -23.11
N PRO A 400 9.99 -11.14 -21.82
CA PRO A 400 10.78 -10.57 -20.75
C PRO A 400 12.07 -11.33 -20.47
N ALA A 401 13.16 -10.59 -20.28
CA ALA A 401 14.44 -11.17 -19.88
C ALA A 401 14.44 -11.51 -18.37
N ALA A 402 15.63 -11.59 -17.77
CA ALA A 402 15.79 -11.90 -16.35
C ALA A 402 15.26 -10.76 -15.47
N TYR A 403 14.59 -11.13 -14.38
CA TYR A 403 14.01 -10.14 -13.48
C TYR A 403 14.99 -9.74 -12.37
N THR A 404 15.26 -8.43 -12.26
CA THR A 404 16.00 -7.86 -11.13
C THR A 404 15.15 -7.92 -9.85
N GLU A 405 15.74 -7.61 -8.70
CA GLU A 405 14.98 -7.58 -7.45
C GLU A 405 13.94 -6.46 -7.46
N GLU A 406 14.29 -5.33 -8.08
CA GLU A 406 13.35 -4.22 -8.23
C GLU A 406 12.20 -4.58 -9.16
N ASP A 407 12.44 -5.44 -10.15
CA ASP A 407 11.36 -6.04 -10.93
C ASP A 407 10.50 -6.97 -10.05
N GLU A 408 11.14 -7.93 -9.37
CA GLU A 408 10.39 -8.85 -8.52
C GLU A 408 9.61 -8.05 -7.47
N SER A 409 10.10 -6.84 -7.19
CA SER A 409 9.49 -5.98 -6.21
C SER A 409 8.10 -5.57 -6.66
N LEU A 410 8.04 -5.03 -7.87
CA LEU A 410 6.79 -4.54 -8.46
C LEU A 410 5.85 -5.68 -8.77
N ILE A 411 6.35 -6.70 -9.46
CA ILE A 411 5.59 -7.92 -9.73
C ILE A 411 4.83 -8.45 -8.50
N GLN A 412 5.47 -8.35 -7.33
CA GLN A 412 4.83 -8.75 -6.09
C GLN A 412 3.59 -7.93 -5.83
N LEU A 413 3.69 -6.63 -6.05
CA LEU A 413 2.54 -5.78 -5.82
C LEU A 413 1.45 -6.26 -6.76
N ILE A 414 1.79 -6.34 -8.05
CA ILE A 414 0.84 -6.71 -9.11
C ILE A 414 0.24 -8.08 -8.82
N LYS A 415 1.08 -9.01 -8.36
CA LYS A 415 0.58 -10.35 -7.97
C LYS A 415 -0.35 -10.27 -6.79
N ASP A 416 0.02 -9.48 -5.77
CA ASP A 416 -0.74 -9.38 -4.53
C ASP A 416 -2.03 -8.56 -4.65
N LEU A 417 -2.12 -7.76 -5.72
CA LEU A 417 -3.21 -6.76 -5.82
C LEU A 417 -4.63 -7.34 -5.90
N PRO A 418 -4.90 -8.23 -6.87
CA PRO A 418 -6.20 -8.89 -6.96
C PRO A 418 -6.81 -9.35 -5.64
N GLY A 419 -6.03 -10.06 -4.84
CA GLY A 419 -6.52 -10.60 -3.59
C GLY A 419 -6.98 -9.56 -2.59
N THR A 420 -6.20 -8.49 -2.44
CA THR A 420 -6.57 -7.44 -1.49
C THR A 420 -7.76 -6.64 -2.04
N ALA A 421 -7.79 -6.39 -3.36
CA ALA A 421 -8.99 -5.79 -3.96
C ALA A 421 -10.22 -6.71 -3.83
N ASP A 422 -10.06 -8.01 -4.05
CA ASP A 422 -11.16 -8.97 -3.85
C ASP A 422 -11.83 -8.76 -2.50
N HIS A 423 -11.02 -8.62 -1.46
CA HIS A 423 -11.57 -8.43 -0.14
C HIS A 423 -12.34 -7.16 -0.02
N TYR A 424 -11.81 -6.05 -0.52
CA TYR A 424 -12.51 -4.78 -0.36
C TYR A 424 -13.82 -4.80 -1.11
N TYR A 425 -13.77 -5.18 -2.39
CA TYR A 425 -14.99 -5.39 -3.17
C TYR A 425 -16.03 -6.28 -2.46
N LEU A 426 -15.56 -7.27 -1.69
CA LEU A 426 -16.49 -8.21 -0.99
C LEU A 426 -17.04 -7.73 0.34
N ILE A 427 -16.34 -6.82 1.02
CA ILE A 427 -16.81 -6.29 2.33
C ILE A 427 -18.26 -5.81 2.33
N PRO A 428 -18.65 -4.92 1.40
CA PRO A 428 -17.94 -4.21 0.33
C PRO A 428 -17.47 -2.82 0.75
N ASP A 429 -16.31 -2.43 0.25
CA ASP A 429 -15.74 -1.12 0.53
C ASP A 429 -15.09 -0.60 -0.74
N ILE A 430 -15.91 -0.16 -1.67
CA ILE A 430 -15.43 0.17 -3.03
C ILE A 430 -14.33 1.24 -3.07
N GLN A 431 -14.41 2.18 -2.14
CA GLN A 431 -13.36 3.18 -2.00
C GLN A 431 -12.02 2.50 -1.78
N LYS A 432 -11.91 1.73 -0.70
CA LYS A 432 -10.65 1.05 -0.36
C LYS A 432 -10.06 0.28 -1.53
N ALA A 433 -10.92 -0.46 -2.24
CA ALA A 433 -10.51 -1.20 -3.43
C ALA A 433 -9.93 -0.28 -4.50
N ILE A 434 -10.54 0.88 -4.76
CA ILE A 434 -9.96 1.83 -5.73
C ILE A 434 -8.54 2.27 -5.30
N ILE A 435 -8.41 2.67 -4.04
CA ILE A 435 -7.13 3.08 -3.49
C ILE A 435 -6.12 1.96 -3.66
N ALA A 436 -6.50 0.75 -3.26
CA ALA A 436 -5.64 -0.40 -3.44
C ALA A 436 -5.05 -0.39 -4.85
N VAL A 437 -5.90 -0.26 -5.85
CA VAL A 437 -5.43 -0.32 -7.24
C VAL A 437 -4.49 0.84 -7.55
N PHE A 438 -4.86 2.02 -7.11
CA PHE A 438 -4.07 3.19 -7.42
C PHE A 438 -2.70 3.18 -6.73
N ASP A 439 -2.62 2.61 -5.54
CA ASP A 439 -1.32 2.43 -4.91
C ASP A 439 -0.40 1.66 -5.86
N VAL A 440 -0.96 0.69 -6.57
CA VAL A 440 -0.18 -0.17 -7.46
C VAL A 440 0.12 0.55 -8.76
N LEU A 441 -0.81 1.40 -9.19
CA LEU A 441 -0.59 2.23 -10.37
C LEU A 441 0.51 3.25 -10.10
N ARG A 442 0.50 3.80 -8.89
CA ARG A 442 1.52 4.79 -8.50
C ARG A 442 2.86 4.08 -8.45
N ALA A 443 2.86 2.88 -7.86
CA ALA A 443 4.06 2.05 -7.75
C ALA A 443 4.62 1.71 -9.13
N ILE A 444 3.73 1.56 -10.12
CA ILE A 444 4.18 1.23 -11.47
C ILE A 444 4.80 2.46 -12.13
N ASN A 445 4.25 3.64 -11.84
CA ASN A 445 4.81 4.88 -12.39
C ASN A 445 6.16 5.26 -11.78
N ALA A 446 6.42 4.77 -10.56
CA ALA A 446 7.72 4.99 -9.93
C ALA A 446 8.75 4.12 -10.63
N TYR A 447 8.45 2.84 -10.71
CA TYR A 447 9.29 1.86 -11.38
C TYR A 447 9.66 2.29 -12.79
N VAL A 448 8.70 2.90 -13.49
CA VAL A 448 8.89 3.31 -14.87
C VAL A 448 9.79 4.55 -14.94
N THR A 449 9.53 5.51 -14.07
CA THR A 449 10.36 6.73 -14.01
C THR A 449 11.81 6.35 -13.72
N ASP A 450 11.97 5.39 -12.82
CA ASP A 450 13.25 4.95 -12.32
C ASP A 450 14.01 4.12 -13.35
N MET A 451 13.31 3.31 -14.13
CA MET A 451 13.96 2.46 -15.14
C MET A 451 14.27 3.27 -16.39
N ALA A 452 13.47 4.31 -16.63
CA ALA A 452 13.70 5.24 -17.73
C ALA A 452 13.75 4.54 -19.08
N PRO A 453 12.59 4.01 -19.55
CA PRO A 453 12.56 3.25 -20.81
C PRO A 453 12.87 4.08 -22.06
N TRP A 454 12.49 5.35 -22.05
CA TRP A 454 12.86 6.23 -23.17
C TRP A 454 14.32 6.12 -23.47
N LYS A 455 15.15 6.08 -22.43
CA LYS A 455 16.60 5.89 -22.56
C LYS A 455 17.01 4.45 -22.93
N LEU A 456 16.31 3.44 -22.40
CA LEU A 456 16.66 2.05 -22.65
C LEU A 456 16.48 1.57 -24.11
N VAL A 457 15.66 2.26 -24.91
CA VAL A 457 15.45 1.88 -26.31
C VAL A 457 16.74 1.92 -27.13
N LYS A 458 17.68 2.76 -26.70
CA LYS A 458 19.00 2.88 -27.33
C LYS A 458 20.11 2.18 -26.51
N THR A 459 20.12 2.37 -25.19
CA THR A 459 21.13 1.74 -24.32
C THR A 459 21.04 0.21 -24.27
N ASP A 460 19.85 -0.32 -24.02
CA ASP A 460 19.72 -1.72 -23.62
C ASP A 460 18.35 -2.31 -23.94
N PRO A 461 18.08 -2.62 -25.23
CA PRO A 461 16.82 -3.22 -25.64
C PRO A 461 16.44 -4.55 -24.95
N GLU A 462 17.44 -5.33 -24.55
CA GLU A 462 17.18 -6.58 -23.84
C GLU A 462 16.57 -6.28 -22.47
N ARG A 463 16.97 -5.17 -21.86
CA ARG A 463 16.41 -4.74 -20.59
C ARG A 463 15.02 -4.09 -20.78
N LEU A 464 14.91 -3.22 -21.78
CA LEU A 464 13.64 -2.59 -22.14
C LEU A 464 12.51 -3.60 -22.32
N ARG A 465 12.84 -4.80 -22.78
CA ARG A 465 11.86 -5.87 -22.93
C ARG A 465 11.26 -6.27 -21.58
N THR A 466 12.11 -6.40 -20.56
CA THR A 466 11.65 -6.78 -19.23
C THR A 466 10.86 -5.65 -18.54
N VAL A 467 11.26 -4.40 -18.77
CA VAL A 467 10.52 -3.29 -18.19
C VAL A 467 9.13 -3.14 -18.86
N LEU A 468 9.10 -3.04 -20.18
CA LEU A 468 7.83 -2.89 -20.91
C LEU A 468 6.83 -3.98 -20.57
N TYR A 469 7.28 -5.23 -20.59
CA TYR A 469 6.40 -6.34 -20.21
C TYR A 469 5.75 -6.09 -18.84
N ILE A 470 6.56 -5.97 -17.79
CA ILE A 470 6.02 -5.68 -16.46
C ILE A 470 5.05 -4.50 -16.45
N THR A 471 5.39 -3.40 -17.13
CA THR A 471 4.50 -2.23 -17.17
C THR A 471 3.15 -2.56 -17.82
N LEU A 472 3.19 -3.23 -18.97
CA LEU A 472 1.97 -3.62 -19.67
C LEU A 472 1.12 -4.57 -18.80
N GLU A 473 1.73 -5.61 -18.27
CA GLU A 473 1.04 -6.54 -17.40
C GLU A 473 0.49 -5.86 -16.14
N GLY A 474 1.23 -4.87 -15.62
CA GLY A 474 0.74 -4.08 -14.49
C GLY A 474 -0.52 -3.30 -14.86
N VAL A 475 -0.38 -2.42 -15.86
CA VAL A 475 -1.51 -1.65 -16.40
C VAL A 475 -2.70 -2.56 -16.69
N ARG A 476 -2.44 -3.74 -17.24
CA ARG A 476 -3.51 -4.69 -17.54
C ARG A 476 -4.26 -5.08 -16.27
N VAL A 477 -3.57 -5.72 -15.33
CA VAL A 477 -4.21 -6.25 -14.13
C VAL A 477 -4.92 -5.17 -13.32
N THR A 478 -4.30 -4.01 -13.21
CA THR A 478 -4.95 -2.89 -12.56
C THR A 478 -6.22 -2.52 -13.32
N THR A 479 -6.16 -2.43 -14.64
CA THR A 479 -7.34 -2.05 -15.42
C THR A 479 -8.45 -3.08 -15.23
N LEU A 480 -8.11 -4.35 -15.33
CA LEU A 480 -9.09 -5.41 -15.03
C LEU A 480 -9.83 -5.17 -13.70
N LEU A 481 -9.09 -4.82 -12.64
CA LEU A 481 -9.70 -4.62 -11.33
C LEU A 481 -10.41 -3.27 -11.20
N LEU A 482 -10.16 -2.36 -12.14
CA LEU A 482 -10.95 -1.13 -12.26
C LEU A 482 -12.12 -1.30 -13.23
N SER A 483 -12.20 -2.42 -13.96
CA SER A 483 -13.31 -2.71 -14.86
C SER A 483 -14.65 -2.17 -14.33
N PRO A 484 -15.06 -2.60 -13.11
CA PRO A 484 -16.38 -2.23 -12.63
C PRO A 484 -16.53 -0.74 -12.39
N ILE A 485 -15.44 -0.05 -12.09
CA ILE A 485 -15.49 1.40 -11.82
C ILE A 485 -15.49 2.19 -13.12
N LEU A 486 -14.67 1.76 -14.07
CA LEU A 486 -14.45 2.48 -15.31
C LEU A 486 -14.78 1.56 -16.48
N PRO A 487 -16.05 1.16 -16.61
CA PRO A 487 -16.43 0.11 -17.56
C PRO A 487 -16.17 0.45 -19.02
N ARG A 488 -16.46 1.68 -19.41
CA ARG A 488 -16.26 2.09 -20.80
C ARG A 488 -14.80 2.36 -21.10
N LYS A 489 -14.09 2.97 -20.16
CA LYS A 489 -12.69 3.37 -20.38
C LYS A 489 -11.73 2.19 -20.28
N SER A 490 -12.06 1.21 -19.43
CA SER A 490 -11.25 0.01 -19.32
C SER A 490 -11.22 -0.75 -20.63
N VAL A 491 -12.35 -0.77 -21.34
CA VAL A 491 -12.40 -1.40 -22.68
C VAL A 491 -11.46 -0.67 -23.63
N VAL A 492 -11.49 0.67 -23.59
CA VAL A 492 -10.62 1.49 -24.45
C VAL A 492 -9.16 1.23 -24.12
N ILE A 493 -8.85 1.17 -22.83
CA ILE A 493 -7.52 0.79 -22.35
C ILE A 493 -7.14 -0.58 -22.92
N PHE A 494 -7.97 -1.59 -22.66
CA PHE A 494 -7.71 -2.94 -23.14
C PHE A 494 -7.47 -3.00 -24.66
N ASP A 495 -8.26 -2.24 -25.42
CA ASP A 495 -8.06 -2.14 -26.86
C ASP A 495 -6.66 -1.62 -27.18
N MET A 496 -6.30 -0.46 -26.62
CA MET A 496 -4.95 0.11 -26.81
C MET A 496 -3.85 -0.93 -26.56
N LEU A 497 -4.03 -1.71 -25.49
CA LEU A 497 -3.07 -2.74 -25.09
C LEU A 497 -3.13 -3.97 -25.98
N GLY A 498 -4.26 -4.16 -26.65
CA GLY A 498 -4.44 -5.32 -27.52
C GLY A 498 -4.73 -6.59 -26.75
N VAL A 499 -5.36 -6.44 -25.58
CA VAL A 499 -5.66 -7.59 -24.73
C VAL A 499 -6.83 -8.35 -25.35
N PRO A 500 -6.64 -9.63 -25.69
CA PRO A 500 -7.75 -10.40 -26.25
C PRO A 500 -8.98 -10.47 -25.34
N GLU A 501 -10.16 -10.43 -25.95
CA GLU A 501 -11.42 -10.45 -25.24
C GLU A 501 -11.53 -11.57 -24.18
N VAL A 502 -10.91 -12.71 -24.41
CA VAL A 502 -10.99 -13.77 -23.42
C VAL A 502 -10.31 -13.36 -22.11
N HIS A 503 -9.30 -12.50 -22.21
CA HIS A 503 -8.44 -12.11 -21.06
C HIS A 503 -8.90 -10.86 -20.32
N ARG A 504 -10.06 -10.32 -20.70
CA ARG A 504 -10.55 -9.05 -20.17
C ARG A 504 -11.47 -9.26 -19.00
N LYS A 505 -11.76 -10.53 -18.70
CA LYS A 505 -12.73 -10.95 -17.71
C LYS A 505 -12.18 -12.24 -17.15
N GLY A 506 -12.75 -12.71 -16.05
CA GLY A 506 -12.45 -14.05 -15.56
C GLY A 506 -11.38 -14.06 -14.49
N ILE A 507 -11.57 -14.95 -13.52
CA ILE A 507 -10.68 -15.08 -12.36
C ILE A 507 -9.27 -15.51 -12.78
N GLU A 508 -9.20 -16.26 -13.88
CA GLU A 508 -7.97 -16.78 -14.43
C GLU A 508 -7.03 -15.65 -14.83
N ASN A 509 -7.59 -14.52 -15.25
CA ASN A 509 -6.77 -13.41 -15.72
C ASN A 509 -6.50 -12.37 -14.67
N PHE A 510 -6.72 -12.74 -13.41
CA PHE A 510 -6.17 -11.97 -12.29
C PHE A 510 -4.68 -12.30 -12.20
N GLU A 511 -4.32 -13.55 -12.49
CA GLU A 511 -2.93 -13.99 -12.37
C GLU A 511 -2.00 -13.26 -13.31
N PHE A 512 -0.80 -13.01 -12.80
CA PHE A 512 0.24 -12.25 -13.49
C PHE A 512 0.79 -13.10 -14.64
N GLY A 513 0.82 -12.52 -15.81
CA GLY A 513 1.47 -13.13 -16.97
C GLY A 513 0.52 -13.90 -17.85
N ALA A 514 -0.71 -13.40 -17.95
CA ALA A 514 -1.80 -14.15 -18.58
C ALA A 514 -1.94 -13.86 -20.07
N VAL A 515 -1.42 -12.69 -20.48
CA VAL A 515 -1.32 -12.34 -21.90
C VAL A 515 0.08 -12.72 -22.39
N PRO A 516 0.17 -13.59 -23.42
CA PRO A 516 1.49 -14.02 -23.90
C PRO A 516 2.23 -12.94 -24.67
N PRO A 517 3.56 -12.91 -24.55
CA PRO A 517 4.37 -12.01 -25.36
C PRO A 517 4.20 -12.29 -26.85
N GLY A 518 4.41 -11.27 -27.68
CA GLY A 518 4.13 -11.34 -29.12
C GLY A 518 2.72 -10.84 -29.43
N THR A 519 1.87 -10.77 -28.41
CA THR A 519 0.54 -10.18 -28.53
C THR A 519 0.68 -8.76 -29.10
N ARG A 520 -0.02 -8.49 -30.19
CA ARG A 520 0.03 -7.19 -30.85
C ARG A 520 -0.83 -6.19 -30.11
N LEU A 521 -0.35 -4.94 -30.05
CA LEU A 521 -1.11 -3.85 -29.41
C LEU A 521 -2.26 -3.44 -30.29
N GLY A 522 -3.15 -2.62 -29.74
CA GLY A 522 -4.25 -2.09 -30.50
C GLY A 522 -3.75 -1.05 -31.48
N PRO A 523 -4.52 -0.81 -32.56
CA PRO A 523 -4.12 0.22 -33.51
C PRO A 523 -4.18 1.58 -32.85
N ALA A 524 -3.09 2.35 -32.92
CA ALA A 524 -3.02 3.66 -32.27
C ALA A 524 -3.63 4.73 -33.16
N VAL A 525 -4.67 5.39 -32.66
CA VAL A 525 -5.22 6.56 -33.32
C VAL A 525 -4.53 7.78 -32.70
N GLU A 526 -4.06 8.69 -33.54
CA GLU A 526 -3.24 9.82 -33.09
C GLU A 526 -4.04 10.83 -32.26
N GLY A 527 -5.23 11.16 -32.73
CA GLY A 527 -6.06 12.17 -32.08
C GLY A 527 -6.53 11.81 -30.68
N GLU A 528 -6.66 10.51 -30.39
CA GLU A 528 -7.30 10.07 -29.14
C GLU A 528 -6.38 10.17 -27.92
N VAL A 529 -6.97 10.59 -26.81
CA VAL A 529 -6.38 10.43 -25.50
C VAL A 529 -7.37 9.61 -24.67
N LEU A 530 -6.92 9.11 -23.52
CA LEU A 530 -7.77 8.33 -22.63
C LEU A 530 -8.54 9.25 -21.70
N PHE A 531 -7.83 10.23 -21.13
CA PHE A 531 -8.45 11.24 -20.30
C PHE A 531 -7.89 12.61 -20.63
N SER A 532 -8.76 13.62 -20.51
CA SER A 532 -8.42 14.99 -20.87
C SER A 532 -8.49 15.91 -19.66
N LYS A 533 -7.40 16.64 -19.40
CA LYS A 533 -7.32 17.56 -18.28
C LYS A 533 -8.28 18.75 -18.48
N ARG A 534 -8.72 19.34 -17.38
CA ARG A 534 -9.59 20.52 -17.43
C ARG A 534 -8.88 21.69 -16.77
N SER A 535 -9.46 22.89 -16.84
CA SER A 535 -8.77 24.12 -16.41
C SER A 535 -8.40 24.13 -14.91
N THR A 536 -7.41 24.95 -14.56
CA THR A 536 -6.74 24.93 -13.25
C THR A 536 -7.64 24.60 -12.06
N GLY B 1 2.81 -13.44 -1.88
CA GLY B 1 3.06 -14.33 -0.72
C GLY B 1 4.51 -14.36 -0.25
N PRO B 2 5.28 -15.38 -0.68
CA PRO B 2 6.55 -15.77 -0.06
C PRO B 2 7.73 -14.82 -0.25
N GLY B 3 8.61 -14.78 0.75
CA GLY B 3 9.86 -14.05 0.65
C GLY B 3 10.91 -14.84 -0.11
N SER B 4 11.95 -14.15 -0.58
CA SER B 4 13.06 -14.79 -1.28
C SER B 4 13.75 -15.79 -0.36
N MET B 5 14.16 -16.89 -0.98
CA MET B 5 14.94 -17.95 -0.35
C MET B 5 15.96 -17.44 0.66
N LYS B 6 15.98 -18.09 1.83
CA LYS B 6 16.99 -17.87 2.85
C LYS B 6 18.30 -18.38 2.28
N VAL B 7 19.31 -17.51 2.13
CA VAL B 7 20.57 -17.91 1.45
C VAL B 7 21.33 -19.03 2.20
N GLU B 8 21.91 -19.96 1.44
CA GLU B 8 22.58 -21.15 1.98
C GLU B 8 23.97 -20.81 2.54
N LYS B 9 24.56 -19.71 2.08
CA LYS B 9 25.86 -19.26 2.59
C LYS B 9 25.71 -18.28 3.76
N VAL B 10 26.84 -17.80 4.26
CA VAL B 10 26.86 -16.65 5.18
C VAL B 10 26.75 -15.33 4.40
N PHE B 11 25.66 -14.62 4.67
CA PHE B 11 25.39 -13.34 4.05
C PHE B 11 26.45 -12.34 4.48
N PHE B 12 27.04 -11.65 3.51
CA PHE B 12 28.23 -10.85 3.72
C PHE B 12 27.93 -9.44 3.18
N VAL B 13 27.74 -8.52 4.13
CA VAL B 13 27.49 -7.12 3.83
C VAL B 13 28.68 -6.32 4.33
N THR B 14 29.11 -5.33 3.55
CA THR B 14 30.23 -4.48 3.93
C THR B 14 29.85 -3.01 3.87
N SER B 15 30.50 -2.22 4.71
CA SER B 15 30.61 -0.78 4.52
C SER B 15 31.94 -0.54 3.85
N PRO B 16 32.17 0.68 3.34
CA PRO B 16 33.52 0.99 2.90
C PRO B 16 34.39 1.27 4.11
N ILE B 17 35.66 0.89 4.03
CA ILE B 17 36.66 1.26 5.05
C ILE B 17 37.12 2.73 4.86
N TYR B 18 37.22 3.50 5.94
CA TYR B 18 37.27 4.96 5.85
C TYR B 18 38.65 5.57 6.06
N TYR B 19 39.02 6.53 5.20
CA TYR B 19 40.28 7.25 5.40
C TYR B 19 40.24 7.84 6.80
N VAL B 20 41.36 7.74 7.52
CA VAL B 20 41.50 8.26 8.87
C VAL B 20 42.25 9.61 8.89
N ASN B 21 42.10 10.40 7.85
CA ASN B 21 42.64 11.76 7.84
C ASN B 21 41.93 12.68 8.83
N ALA B 22 40.69 12.34 9.20
CA ALA B 22 39.86 13.22 10.02
C ALA B 22 38.94 12.43 10.98
N ALA B 23 38.30 13.16 11.88
CA ALA B 23 37.37 12.57 12.82
C ALA B 23 36.19 11.95 12.08
N PRO B 24 35.62 10.87 12.63
CA PRO B 24 34.43 10.27 12.02
C PRO B 24 33.25 11.21 12.09
N HIS B 25 32.45 11.23 11.03
CA HIS B 25 31.31 12.13 10.92
C HIS B 25 30.11 11.42 10.29
N ILE B 26 29.08 12.19 9.92
CA ILE B 26 27.82 11.63 9.45
C ILE B 26 27.93 10.72 8.22
N GLY B 27 28.67 11.12 7.20
CA GLY B 27 28.86 10.28 6.00
C GLY B 27 29.19 8.84 6.38
N HIS B 28 30.14 8.70 7.30
CA HIS B 28 30.59 7.39 7.77
C HIS B 28 29.53 6.68 8.57
N VAL B 29 28.88 7.43 9.46
CA VAL B 29 27.80 6.93 10.31
C VAL B 29 26.62 6.41 9.47
N TYR B 30 26.29 7.16 8.44
CA TYR B 30 25.25 6.81 7.50
C TYR B 30 25.61 5.52 6.80
N SER B 31 26.80 5.48 6.20
CA SER B 31 27.20 4.35 5.37
C SER B 31 27.23 3.09 6.17
N THR B 32 27.79 3.17 7.38
CA THR B 32 27.82 2.01 8.26
C THR B 32 26.42 1.68 8.80
N LEU B 33 25.54 2.68 8.91
CA LEU B 33 24.15 2.42 9.25
C LEU B 33 23.48 1.51 8.22
N ILE B 34 23.60 1.89 6.95
CA ILE B 34 22.99 1.14 5.85
C ILE B 34 23.51 -0.29 5.91
N THR B 35 24.83 -0.42 6.01
CA THR B 35 25.46 -1.70 6.24
C THR B 35 24.81 -2.44 7.43
N ASP B 36 24.65 -1.75 8.55
CA ASP B 36 24.20 -2.41 9.76
C ASP B 36 22.75 -2.90 9.64
N VAL B 37 21.93 -2.09 8.98
CA VAL B 37 20.52 -2.43 8.78
C VAL B 37 20.40 -3.68 7.90
N ILE B 38 21.04 -3.61 6.74
CA ILE B 38 21.06 -4.74 5.82
C ILE B 38 21.42 -6.04 6.56
N GLY B 39 22.33 -5.97 7.54
CA GLY B 39 22.74 -7.15 8.28
C GLY B 39 21.65 -7.62 9.24
N ARG B 40 21.16 -6.68 10.05
CA ARG B 40 20.17 -7.01 11.06
C ARG B 40 18.92 -7.66 10.44
N TYR B 41 18.53 -7.26 9.23
CA TYR B 41 17.42 -7.92 8.55
C TYR B 41 17.72 -9.39 8.33
N HIS B 42 18.84 -9.64 7.67
CA HIS B 42 19.21 -11.01 7.30
C HIS B 42 19.37 -11.92 8.51
N ARG B 43 19.74 -11.34 9.65
CA ARG B 43 19.78 -12.07 10.90
C ARG B 43 18.36 -12.40 11.35
N VAL B 44 17.43 -11.45 11.20
CA VAL B 44 16.04 -11.68 11.62
C VAL B 44 15.34 -12.65 10.69
N LYS B 45 15.82 -12.74 9.44
CA LYS B 45 15.33 -13.76 8.54
C LYS B 45 15.77 -15.15 9.01
N GLY B 46 16.94 -15.22 9.66
CA GLY B 46 17.49 -16.47 10.17
C GLY B 46 18.76 -16.90 9.46
N GLU B 47 19.27 -16.05 8.57
CA GLU B 47 20.50 -16.31 7.83
C GLU B 47 21.71 -16.08 8.75
N ARG B 48 22.85 -16.65 8.36
CA ARG B 48 24.11 -16.36 9.03
C ARG B 48 24.65 -15.08 8.39
N VAL B 49 25.24 -14.22 9.20
CA VAL B 49 25.66 -12.93 8.69
C VAL B 49 27.07 -12.55 9.11
N PHE B 50 27.81 -11.95 8.19
CA PHE B 50 29.04 -11.30 8.52
C PHE B 50 28.99 -9.87 7.98
N ALA B 51 28.93 -8.91 8.91
CA ALA B 51 28.77 -7.51 8.57
C ALA B 51 30.10 -6.82 8.89
N LEU B 52 30.66 -6.13 7.90
CA LEU B 52 32.04 -5.67 7.99
C LEU B 52 32.18 -4.16 7.78
N THR B 53 32.94 -3.53 8.67
CA THR B 53 33.29 -2.12 8.53
C THR B 53 34.75 -1.93 8.91
N GLY B 54 35.28 -0.73 8.74
CA GLY B 54 36.69 -0.52 9.04
C GLY B 54 37.29 0.76 8.51
N THR B 55 38.61 0.83 8.63
CA THR B 55 39.36 2.04 8.36
C THR B 55 40.48 1.77 7.38
N ASP B 56 40.57 2.67 6.40
CA ASP B 56 41.55 2.62 5.32
C ASP B 56 42.72 3.48 5.78
N GLU B 57 43.85 2.86 6.13
CA GLU B 57 44.89 3.58 6.89
C GLU B 57 46.19 3.97 6.19
N HIS B 58 46.51 3.38 5.05
CA HIS B 58 47.74 3.75 4.34
C HIS B 58 47.47 4.88 3.41
N GLY B 59 48.50 5.31 2.70
CA GLY B 59 48.34 6.25 1.59
C GLY B 59 48.96 7.59 1.91
N GLN B 60 48.93 8.50 0.93
CA GLN B 60 49.43 9.87 1.14
C GLN B 60 48.48 10.71 1.96
N LYS B 61 47.18 10.60 1.66
CA LYS B 61 46.16 11.39 2.34
C LYS B 61 46.34 11.28 3.85
N VAL B 62 46.46 10.05 4.33
CA VAL B 62 46.61 9.79 5.76
C VAL B 62 47.98 10.24 6.26
N ALA B 63 49.02 9.91 5.50
CA ALA B 63 50.38 10.34 5.84
C ALA B 63 50.46 11.88 5.98
N GLU B 64 49.96 12.60 4.97
CA GLU B 64 49.98 14.06 4.98
C GLU B 64 49.13 14.65 6.11
N ALA B 65 48.12 13.91 6.54
CA ALA B 65 47.26 14.31 7.66
C ALA B 65 47.94 14.10 9.01
N ALA B 66 48.78 13.07 9.11
CA ALA B 66 49.55 12.81 10.33
C ALA B 66 50.72 13.78 10.44
N LYS B 67 51.40 14.01 9.30
CA LYS B 67 52.48 14.99 9.23
C LYS B 67 52.01 16.36 9.67
N GLN B 68 50.84 16.77 9.18
CA GLN B 68 50.19 18.02 9.61
C GLN B 68 50.12 18.16 11.12
N LYS B 69 49.78 17.06 11.80
CA LYS B 69 49.64 17.05 13.27
C LYS B 69 50.97 16.82 14.00
N GLN B 70 52.02 16.50 13.26
CA GLN B 70 53.34 16.16 13.81
C GLN B 70 53.22 15.01 14.80
N VAL B 71 52.60 13.95 14.30
CA VAL B 71 52.49 12.65 14.97
C VAL B 71 52.91 11.58 13.96
N SER B 72 53.69 10.60 14.43
CA SER B 72 54.14 9.52 13.56
C SER B 72 52.90 8.81 13.03
N PRO B 73 52.85 8.53 11.73
CA PRO B 73 51.62 8.05 11.13
C PRO B 73 51.05 6.80 11.81
N TYR B 74 51.91 5.94 12.33
CA TYR B 74 51.47 4.76 13.10
C TYR B 74 50.56 5.19 14.26
N ASP B 75 51.03 6.16 15.03
CA ASP B 75 50.28 6.72 16.16
C ASP B 75 49.00 7.46 15.73
N PHE B 76 49.13 8.27 14.68
CA PHE B 76 48.01 9.06 14.16
C PHE B 76 46.87 8.14 13.73
N THR B 77 47.20 7.16 12.90
CA THR B 77 46.23 6.16 12.47
C THR B 77 45.58 5.43 13.64
N THR B 78 46.38 4.90 14.56
CA THR B 78 45.82 4.08 15.64
C THR B 78 44.85 4.91 16.49
N ALA B 79 45.17 6.19 16.66
CA ALA B 79 44.32 7.10 17.42
C ALA B 79 43.00 7.29 16.70
N VAL B 80 43.04 7.67 15.43
CA VAL B 80 41.81 7.91 14.66
C VAL B 80 40.99 6.63 14.51
N ALA B 81 41.60 5.54 14.06
CA ALA B 81 40.90 4.26 14.09
C ALA B 81 40.19 4.07 15.44
N GLY B 82 40.89 4.41 16.51
CA GLY B 82 40.27 4.43 17.84
C GLY B 82 39.01 5.27 17.89
N GLU B 83 39.07 6.49 17.34
CA GLU B 83 37.92 7.39 17.32
C GLU B 83 36.73 6.79 16.57
N PHE B 84 37.01 5.99 15.54
CA PHE B 84 35.95 5.34 14.79
C PHE B 84 35.26 4.24 15.60
N LYS B 85 36.05 3.32 16.14
CA LYS B 85 35.48 2.19 16.91
C LYS B 85 34.54 2.68 18.00
N LYS B 86 34.99 3.70 18.74
CA LYS B 86 34.18 4.33 19.78
C LYS B 86 32.92 4.98 19.18
N CYS B 87 33.07 5.75 18.10
CA CYS B 87 31.90 6.34 17.45
C CYS B 87 30.84 5.26 17.11
N PHE B 88 31.28 4.14 16.57
CA PHE B 88 30.36 3.07 16.15
C PHE B 88 29.80 2.23 17.31
N GLU B 89 30.60 2.04 18.36
CA GLU B 89 30.08 1.43 19.57
C GLU B 89 28.96 2.29 20.14
N GLN B 90 29.12 3.61 20.04
CA GLN B 90 28.12 4.56 20.55
C GLN B 90 26.86 4.59 19.70
N MET B 91 26.98 4.34 18.41
CA MET B 91 25.83 4.35 17.53
C MET B 91 25.01 3.07 17.66
N ASP B 92 25.53 2.10 18.40
CA ASP B 92 24.79 0.89 18.73
C ASP B 92 24.56 0.00 17.52
N TYR B 93 25.53 -0.05 16.62
CA TYR B 93 25.49 -0.98 15.50
C TYR B 93 25.83 -2.38 15.97
N SER B 94 25.44 -3.38 15.19
CA SER B 94 25.92 -4.75 15.34
C SER B 94 26.72 -5.14 14.11
N ILE B 95 28.02 -4.92 14.18
CA ILE B 95 28.93 -5.22 13.09
C ILE B 95 29.89 -6.29 13.61
N ASP B 96 30.15 -7.31 12.80
CA ASP B 96 30.89 -8.47 13.29
C ASP B 96 32.39 -8.26 13.34
N TYR B 97 32.90 -7.37 12.49
CA TYR B 97 34.33 -7.08 12.50
C TYR B 97 34.66 -5.68 12.01
N PHE B 98 35.65 -5.08 12.67
CA PHE B 98 36.21 -3.80 12.28
C PHE B 98 37.61 -4.03 11.74
N ILE B 99 37.79 -3.88 10.43
CA ILE B 99 39.09 -4.14 9.81
C ILE B 99 39.91 -2.86 9.74
N ARG B 100 41.23 -3.02 9.73
CA ARG B 100 42.17 -1.92 9.61
C ARG B 100 43.25 -2.33 8.62
N THR B 101 43.52 -1.51 7.60
CA THR B 101 44.49 -1.92 6.57
C THR B 101 45.91 -2.18 7.13
N THR B 102 46.26 -1.58 8.27
CA THR B 102 47.56 -1.83 8.88
C THR B 102 47.67 -3.24 9.45
N ASN B 103 46.55 -3.96 9.57
CA ASN B 103 46.53 -5.33 10.11
C ASN B 103 47.48 -6.25 9.35
N GLU B 104 48.31 -6.99 10.07
CA GLU B 104 49.30 -7.85 9.45
C GLU B 104 48.67 -8.89 8.52
N GLN B 105 47.57 -9.51 8.96
CA GLN B 105 46.94 -10.59 8.20
C GLN B 105 46.23 -10.04 6.96
N HIS B 106 45.90 -8.75 6.96
CA HIS B 106 45.40 -8.08 5.75
C HIS B 106 46.49 -7.96 4.75
N LYS B 107 47.63 -7.42 5.19
CA LYS B 107 48.79 -7.19 4.34
C LYS B 107 49.22 -8.48 3.66
N ALA B 108 48.99 -9.62 4.32
CA ALA B 108 49.22 -10.94 3.72
C ALA B 108 48.37 -11.08 2.46
N VAL B 109 47.07 -10.87 2.60
CA VAL B 109 46.13 -11.09 1.51
C VAL B 109 46.39 -10.11 0.35
N VAL B 110 46.87 -8.91 0.67
CA VAL B 110 47.16 -7.93 -0.37
C VAL B 110 48.26 -8.45 -1.27
N LYS B 111 49.35 -8.91 -0.66
CA LYS B 111 50.50 -9.46 -1.41
C LYS B 111 50.04 -10.67 -2.21
N GLU B 112 49.31 -11.53 -1.51
CA GLU B 112 48.76 -12.73 -2.09
C GLU B 112 47.96 -12.43 -3.35
N LEU B 113 47.04 -11.47 -3.26
CA LEU B 113 46.23 -11.08 -4.42
C LEU B 113 47.12 -10.42 -5.48
N TRP B 114 48.04 -9.58 -5.05
CA TRP B 114 48.97 -8.97 -5.98
C TRP B 114 49.68 -10.02 -6.80
N THR B 115 50.19 -11.05 -6.13
CA THR B 115 50.90 -12.11 -6.83
C THR B 115 50.00 -12.85 -7.84
N LYS B 116 48.72 -13.05 -7.52
CA LYS B 116 47.84 -13.71 -8.47
C LYS B 116 47.59 -12.84 -9.71
N LEU B 117 47.39 -11.54 -9.53
CA LEU B 117 47.22 -10.65 -10.68
C LEU B 117 48.48 -10.63 -11.57
N GLU B 118 49.65 -10.85 -10.98
CA GLU B 118 50.92 -10.97 -11.73
C GLU B 118 51.02 -12.33 -12.40
N GLN B 119 50.81 -13.38 -11.60
CA GLN B 119 50.68 -14.76 -12.05
C GLN B 119 49.94 -14.87 -13.38
N LYS B 120 48.78 -14.22 -13.45
CA LYS B 120 47.90 -14.36 -14.62
C LYS B 120 48.17 -13.30 -15.72
N GLY B 121 49.36 -12.70 -15.73
CA GLY B 121 49.81 -11.83 -16.82
C GLY B 121 49.07 -10.52 -17.00
N ASP B 122 48.32 -10.11 -15.98
CA ASP B 122 47.50 -8.89 -16.04
C ASP B 122 48.20 -7.69 -15.39
N ILE B 123 49.36 -7.92 -14.76
CA ILE B 123 50.18 -6.82 -14.26
C ILE B 123 51.40 -6.64 -15.14
N TYR B 124 51.83 -5.40 -15.33
CA TYR B 124 53.04 -5.10 -16.09
C TYR B 124 53.67 -3.77 -15.68
N LEU B 125 54.98 -3.70 -15.76
CA LEU B 125 55.74 -2.55 -15.26
C LEU B 125 56.10 -1.59 -16.38
N GLY B 126 55.34 -0.52 -16.53
CA GLY B 126 55.66 0.53 -17.50
C GLY B 126 55.96 1.84 -16.80
N ARG B 127 56.19 2.89 -17.57
CA ARG B 127 56.17 4.25 -17.05
C ARG B 127 54.74 4.70 -16.97
N TYR B 128 54.49 5.73 -16.15
CA TYR B 128 53.16 6.28 -16.01
C TYR B 128 53.20 7.76 -15.68
N GLU B 129 52.26 8.49 -16.26
CA GLU B 129 52.13 9.92 -16.07
C GLU B 129 50.68 10.30 -15.91
N GLY B 130 50.40 11.21 -14.97
CA GLY B 130 49.03 11.69 -14.78
C GLY B 130 48.91 12.75 -13.70
N TRP B 131 47.74 13.38 -13.64
CA TRP B 131 47.39 14.27 -12.55
C TRP B 131 46.81 13.45 -11.44
N TYR B 132 47.43 13.55 -10.26
CA TYR B 132 46.96 12.81 -9.09
C TYR B 132 46.35 13.76 -8.07
N SER B 133 45.19 13.36 -7.52
CA SER B 133 44.51 14.11 -6.48
C SER B 133 44.68 13.40 -5.16
N ILE B 134 45.66 13.86 -4.36
CA ILE B 134 45.99 13.21 -3.07
C ILE B 134 44.77 13.02 -2.16
N SER B 135 43.80 13.93 -2.24
CA SER B 135 42.59 13.85 -1.38
C SER B 135 41.58 12.82 -1.88
N ASP B 136 41.45 12.69 -3.19
CA ASP B 136 40.62 11.65 -3.80
C ASP B 136 41.35 10.32 -3.86
N GLU B 137 42.68 10.39 -3.84
CA GLU B 137 43.55 9.23 -3.85
C GLU B 137 43.33 8.55 -5.21
N SER B 138 43.46 9.36 -6.26
CA SER B 138 43.18 8.93 -7.62
C SER B 138 43.85 9.83 -8.66
N PHE B 139 44.14 9.22 -9.81
CA PHE B 139 44.52 9.97 -10.97
C PHE B 139 43.26 10.46 -11.67
N LEU B 140 43.35 11.66 -12.24
CA LEU B 140 42.26 12.27 -12.98
C LEU B 140 42.74 12.59 -14.36
N THR B 141 41.91 12.28 -15.36
CA THR B 141 42.22 12.63 -16.74
C THR B 141 42.22 14.15 -16.87
N PRO B 142 42.95 14.68 -17.86
CA PRO B 142 43.10 16.14 -18.00
C PRO B 142 41.79 16.92 -18.22
N GLN B 143 40.74 16.24 -18.67
CA GLN B 143 39.44 16.90 -18.87
C GLN B 143 38.70 17.07 -17.53
N ASN B 144 39.08 16.28 -16.54
CA ASN B 144 38.51 16.38 -15.21
C ASN B 144 39.34 17.25 -14.25
N ILE B 145 40.10 18.19 -14.81
CA ILE B 145 40.83 19.18 -14.00
C ILE B 145 40.69 20.60 -14.57
N THR B 146 40.89 21.59 -13.69
CA THR B 146 40.80 23.01 -14.05
C THR B 146 41.80 23.80 -13.20
N ASP B 147 41.79 25.13 -13.29
CA ASP B 147 42.65 25.97 -12.46
C ASP B 147 41.97 26.41 -11.15
N GLY B 148 42.78 26.83 -10.17
CA GLY B 148 42.26 27.21 -8.85
C GLY B 148 43.34 27.73 -7.90
N VAL B 149 43.09 27.63 -6.60
CA VAL B 149 44.02 28.15 -5.57
C VAL B 149 44.41 27.09 -4.52
N ASP B 150 45.31 27.47 -3.60
CA ASP B 150 45.81 26.56 -2.56
C ASP B 150 44.65 25.92 -1.79
N PRO B 155 46.83 29.61 -7.34
CA PRO B 155 47.85 29.55 -8.39
C PRO B 155 48.29 28.12 -8.74
N CYS B 156 47.34 27.27 -9.14
CA CYS B 156 47.62 25.85 -9.45
C CYS B 156 46.47 25.14 -10.20
N LYS B 157 46.61 23.83 -10.39
CA LYS B 157 45.58 22.99 -11.03
C LYS B 157 44.81 22.12 -10.00
N VAL B 158 43.50 22.02 -10.18
CA VAL B 158 42.61 21.31 -9.25
C VAL B 158 41.50 20.56 -9.99
N SER B 159 40.86 19.60 -9.33
CA SER B 159 39.84 18.75 -9.97
C SER B 159 38.52 19.51 -10.14
N LEU B 160 37.71 19.10 -11.11
CA LEU B 160 36.37 19.64 -11.26
C LEU B 160 35.44 19.06 -10.19
N GLU B 161 35.27 17.73 -10.21
CA GLU B 161 34.36 17.04 -9.31
C GLU B 161 34.52 17.46 -7.84
N SER B 162 35.72 17.30 -7.29
CA SER B 162 35.98 17.52 -5.86
C SER B 162 36.54 18.91 -5.53
N GLY B 163 37.14 19.57 -6.52
CA GLY B 163 37.74 20.89 -6.30
C GLY B 163 39.07 20.90 -5.55
N HIS B 164 39.51 19.73 -5.05
CA HIS B 164 40.79 19.63 -4.33
C HIS B 164 41.96 19.70 -5.28
N VAL B 165 43.14 19.95 -4.73
CA VAL B 165 44.34 20.17 -5.53
C VAL B 165 44.84 18.89 -6.21
N VAL B 166 45.45 19.06 -7.39
CA VAL B 166 46.19 17.97 -8.06
C VAL B 166 47.55 18.46 -8.52
N THR B 167 48.51 17.54 -8.53
CA THR B 167 49.85 17.79 -9.02
C THR B 167 50.22 16.72 -10.03
N TRP B 168 51.19 17.05 -10.87
CA TRP B 168 51.66 16.16 -11.91
C TRP B 168 52.53 15.10 -11.33
N VAL B 169 52.40 13.88 -11.82
CA VAL B 169 53.21 12.77 -11.36
C VAL B 169 53.81 12.09 -12.57
N SER B 170 55.12 11.89 -12.57
CA SER B 170 55.81 11.24 -13.67
C SER B 170 56.79 10.19 -13.15
N GLU B 171 56.23 9.10 -12.67
CA GLU B 171 57.02 8.03 -12.06
C GLU B 171 57.09 6.81 -12.97
N GLU B 172 57.76 5.79 -12.46
CA GLU B 172 57.62 4.43 -12.94
C GLU B 172 56.52 3.81 -12.08
N ASN B 173 55.59 3.11 -12.71
CA ASN B 173 54.46 2.49 -12.01
C ASN B 173 54.16 1.11 -12.57
N TYR B 174 53.61 0.24 -11.73
CA TYR B 174 53.04 -1.00 -12.20
C TYR B 174 51.63 -0.73 -12.68
N MET B 175 51.29 -1.29 -13.84
CA MET B 175 49.97 -1.09 -14.38
C MET B 175 49.17 -2.38 -14.33
N PHE B 176 47.87 -2.24 -14.14
CA PHE B 176 46.91 -3.34 -14.26
C PHE B 176 46.19 -3.20 -15.57
N ARG B 177 46.12 -4.30 -16.31
CA ARG B 177 45.63 -4.28 -17.68
C ARG B 177 44.10 -4.27 -17.71
N LEU B 178 43.54 -3.11 -17.34
CA LEU B 178 42.09 -2.96 -17.23
C LEU B 178 41.37 -3.00 -18.59
N SER B 179 41.99 -2.39 -19.60
CA SER B 179 41.48 -2.45 -20.98
C SER B 179 41.03 -3.85 -21.41
N ALA B 180 41.70 -4.86 -20.87
CA ALA B 180 41.41 -6.25 -21.21
C ALA B 180 40.07 -6.73 -20.67
N PHE B 181 39.50 -5.97 -19.74
CA PHE B 181 38.34 -6.42 -18.97
C PHE B 181 37.05 -5.68 -19.29
N ARG B 182 37.12 -4.81 -20.30
CA ARG B 182 35.94 -4.08 -20.73
C ARG B 182 34.81 -5.03 -21.14
N GLU B 183 35.10 -5.96 -22.05
CA GLU B 183 34.10 -6.87 -22.56
C GLU B 183 33.52 -7.72 -21.43
N ARG B 184 34.38 -8.26 -20.57
CA ARG B 184 33.92 -9.09 -19.44
C ARG B 184 33.11 -8.28 -18.43
N LEU B 185 33.45 -7.00 -18.24
CA LEU B 185 32.69 -6.13 -17.35
C LEU B 185 31.29 -5.85 -17.94
N LEU B 186 31.25 -5.48 -19.23
CA LEU B 186 29.98 -5.22 -19.90
C LEU B 186 29.07 -6.44 -19.90
N GLU B 187 29.65 -7.64 -20.04
CA GLU B 187 28.89 -8.88 -19.89
C GLU B 187 28.25 -8.95 -18.51
N TRP B 188 29.04 -8.64 -17.48
CA TRP B 188 28.57 -8.76 -16.09
C TRP B 188 27.44 -7.82 -15.78
N TYR B 189 27.54 -6.60 -16.26
CA TYR B 189 26.51 -5.60 -16.02
C TYR B 189 25.18 -6.08 -16.61
N HIS B 190 25.23 -6.62 -17.82
CA HIS B 190 24.02 -6.99 -18.55
C HIS B 190 23.48 -8.30 -18.06
N ALA B 191 24.37 -9.28 -17.88
CA ALA B 191 24.00 -10.56 -17.28
C ALA B 191 23.33 -10.40 -15.90
N ASN B 192 23.74 -9.36 -15.16
CA ASN B 192 23.27 -9.15 -13.79
C ASN B 192 22.76 -7.74 -13.54
N PRO B 193 21.61 -7.40 -14.12
CA PRO B 193 21.15 -6.00 -14.17
C PRO B 193 20.80 -5.36 -12.83
N GLY B 194 20.70 -6.14 -11.75
CA GLY B 194 20.44 -5.62 -10.41
C GLY B 194 21.69 -5.40 -9.56
N CYS B 195 22.85 -5.82 -10.09
CA CYS B 195 24.16 -5.70 -9.42
C CYS B 195 24.68 -4.27 -9.07
N ILE B 196 24.19 -3.23 -9.75
CA ILE B 196 24.38 -1.87 -9.25
C ILE B 196 23.02 -1.22 -9.00
N VAL B 197 22.89 -0.58 -7.85
CA VAL B 197 21.64 0.01 -7.32
C VAL B 197 22.02 1.37 -6.75
N PRO B 198 21.28 2.45 -7.06
CA PRO B 198 20.16 2.72 -7.96
C PRO B 198 20.46 2.53 -9.44
N GLU B 199 19.37 2.21 -10.14
CA GLU B 199 19.37 2.00 -11.57
C GLU B 199 20.07 3.14 -12.33
N PHE B 200 19.94 4.38 -11.90
CA PHE B 200 20.52 5.48 -12.67
C PHE B 200 22.06 5.56 -12.57
N ARG B 201 22.61 5.05 -11.47
CA ARG B 201 24.07 4.96 -11.29
C ARG B 201 24.58 3.78 -12.11
N ARG B 202 23.82 2.70 -12.12
CA ARG B 202 24.19 1.56 -12.92
C ARG B 202 24.37 1.98 -14.37
N ARG B 203 23.50 2.85 -14.86
CA ARG B 203 23.61 3.34 -16.25
C ARG B 203 24.88 4.13 -16.44
N GLU B 204 25.19 5.03 -15.50
CA GLU B 204 26.43 5.82 -15.56
C GLU B 204 27.67 4.95 -15.75
N VAL B 205 27.77 3.92 -14.92
CA VAL B 205 28.87 2.96 -14.95
C VAL B 205 28.97 2.26 -16.30
N ILE B 206 27.83 1.91 -16.90
CA ILE B 206 27.83 1.25 -18.20
C ILE B 206 28.33 2.22 -19.25
N ARG B 207 27.75 3.42 -19.30
CA ARG B 207 28.25 4.49 -20.16
C ARG B 207 29.78 4.56 -20.09
N ALA B 208 30.29 4.62 -18.86
CA ALA B 208 31.70 4.86 -18.64
C ALA B 208 32.53 3.77 -19.31
N VAL B 209 32.26 2.53 -18.92
CA VAL B 209 32.94 1.34 -19.46
C VAL B 209 32.73 1.21 -20.96
N GLU B 210 31.53 1.51 -21.40
CA GLU B 210 31.23 1.50 -22.82
C GLU B 210 32.10 2.51 -23.57
N LYS B 211 32.47 3.63 -22.94
CA LYS B 211 33.30 4.59 -23.66
C LYS B 211 34.77 4.15 -23.76
N GLY B 212 35.26 3.43 -22.76
CA GLY B 212 36.63 2.89 -22.81
C GLY B 212 37.21 2.61 -21.43
N LEU B 213 38.24 1.79 -21.36
CA LEU B 213 38.94 1.53 -20.10
C LEU B 213 40.46 1.50 -20.30
N PRO B 214 41.16 2.52 -19.77
CA PRO B 214 42.62 2.49 -19.84
C PRO B 214 43.18 1.67 -18.69
N ASP B 215 44.41 1.20 -18.85
CA ASP B 215 45.05 0.44 -17.81
C ASP B 215 45.20 1.29 -16.56
N LEU B 216 45.16 0.64 -15.39
CA LEU B 216 45.16 1.34 -14.10
C LEU B 216 46.49 1.20 -13.40
N SER B 217 47.06 2.33 -12.96
CA SER B 217 48.26 2.29 -12.15
C SER B 217 47.94 1.67 -10.80
N VAL B 218 48.59 0.56 -10.47
CA VAL B 218 48.32 -0.17 -9.22
C VAL B 218 49.49 -0.22 -8.23
N SER B 219 50.65 0.31 -8.62
CA SER B 219 51.76 0.52 -7.67
C SER B 219 52.03 1.99 -7.64
N ARG B 220 53.05 2.36 -6.87
CA ARG B 220 53.44 3.75 -6.76
C ARG B 220 54.84 3.79 -6.14
N ALA B 221 55.64 4.77 -6.55
CA ALA B 221 57.05 4.84 -6.14
C ALA B 221 57.23 5.11 -4.64
N ARG B 222 57.96 4.22 -3.97
CA ARG B 222 58.21 4.27 -2.52
C ARG B 222 58.52 5.68 -1.98
N ALA B 223 59.44 6.38 -2.65
CA ALA B 223 59.84 7.73 -2.26
C ALA B 223 58.66 8.69 -2.00
N THR B 224 57.58 8.57 -2.78
CA THR B 224 56.40 9.41 -2.59
C THR B 224 55.66 9.08 -1.31
N LEU B 225 55.44 7.79 -1.08
CA LEU B 225 54.54 7.32 -0.02
C LEU B 225 55.12 7.34 1.39
N HIS B 226 56.38 7.78 1.52
CA HIS B 226 56.99 7.99 2.83
C HIS B 226 56.94 6.75 3.68
N ASN B 227 57.30 5.62 3.08
CA ASN B 227 57.33 4.31 3.77
C ASN B 227 55.97 3.79 4.28
N TRP B 228 54.88 4.48 3.96
CA TRP B 228 53.56 4.24 4.58
C TRP B 228 52.58 3.57 3.65
N ALA B 229 52.94 2.38 3.17
CA ALA B 229 52.10 1.60 2.28
C ALA B 229 52.51 0.13 2.36
N ILE B 230 51.91 -0.72 1.52
CA ILE B 230 52.34 -2.11 1.43
C ILE B 230 53.30 -2.25 0.23
N PRO B 231 54.51 -2.76 0.46
CA PRO B 231 55.44 -2.82 -0.65
C PRO B 231 55.12 -3.96 -1.62
N VAL B 232 55.29 -3.70 -2.90
CA VAL B 232 54.98 -4.68 -3.93
C VAL B 232 55.84 -5.93 -3.73
N PRO B 233 55.22 -7.12 -3.74
CA PRO B 233 56.03 -8.34 -3.61
C PRO B 233 57.14 -8.35 -4.64
N GLY B 234 58.36 -8.64 -4.21
CA GLY B 234 59.48 -8.74 -5.13
C GLY B 234 59.97 -7.42 -5.68
N ASN B 235 59.48 -6.30 -5.16
CA ASN B 235 59.99 -5.01 -5.56
C ASN B 235 59.88 -3.97 -4.44
N PRO B 236 60.97 -3.78 -3.68
CA PRO B 236 61.00 -2.82 -2.57
C PRO B 236 60.79 -1.36 -2.98
N ASP B 237 61.18 -0.98 -4.20
CA ASP B 237 61.04 0.41 -4.66
C ASP B 237 59.62 0.80 -5.08
N HIS B 238 58.66 -0.11 -4.93
CA HIS B 238 57.26 0.18 -5.26
C HIS B 238 56.37 -0.19 -4.11
N VAL B 240 52.06 -0.76 -3.13
CA VAL B 240 50.73 -0.98 -3.69
C VAL B 240 49.90 0.30 -3.59
N TYR B 241 49.27 0.66 -4.70
CA TYR B 241 48.27 1.71 -4.73
C TYR B 241 47.21 1.41 -3.67
N VAL B 242 46.89 2.44 -2.90
CA VAL B 242 46.08 2.32 -1.69
C VAL B 242 44.67 1.77 -1.96
N TRP B 243 44.16 2.02 -3.17
CA TRP B 243 42.82 1.57 -3.49
C TRP B 243 42.76 0.09 -3.64
N LEU B 244 43.78 -0.49 -4.25
CA LEU B 244 43.89 -1.95 -4.38
C LEU B 244 44.12 -2.56 -3.00
N ASP B 245 44.92 -1.87 -2.19
CA ASP B 245 45.09 -2.24 -0.79
C ASP B 245 43.74 -2.18 -0.10
N ALA B 246 43.02 -1.07 -0.31
CA ALA B 246 41.75 -0.82 0.36
C ALA B 246 40.73 -1.89 -0.01
N LEU B 247 40.51 -2.05 -1.32
CA LEU B 247 39.49 -2.95 -1.84
C LEU B 247 39.71 -4.37 -1.36
N THR B 248 40.97 -4.74 -1.18
CA THR B 248 41.28 -6.09 -0.71
C THR B 248 40.67 -6.39 0.64
N ASN B 249 40.37 -5.35 1.41
CA ASN B 249 39.82 -5.55 2.76
C ASN B 249 38.61 -6.45 2.80
N TYR B 250 37.78 -6.37 1.75
CA TYR B 250 36.56 -7.15 1.68
C TYR B 250 36.94 -8.62 1.57
N LEU B 251 37.97 -8.92 0.78
CA LEU B 251 38.50 -10.27 0.66
C LEU B 251 39.11 -10.73 1.98
N THR B 252 39.94 -9.87 2.57
CA THR B 252 40.60 -10.16 3.85
C THR B 252 39.58 -10.51 4.92
N GLY B 253 38.61 -9.62 5.11
CA GLY B 253 37.55 -9.82 6.10
C GLY B 253 36.78 -11.11 5.87
N SER B 254 36.64 -11.48 4.60
CA SER B 254 35.94 -12.72 4.25
C SER B 254 36.71 -13.93 4.71
N ARG B 255 38.00 -13.73 4.96
CA ARG B 255 38.90 -14.82 5.35
C ARG B 255 39.34 -14.83 6.83
N LEU B 256 38.89 -13.84 7.61
CA LEU B 256 39.31 -13.73 9.01
C LEU B 256 38.33 -14.45 9.90
N ARG B 257 38.83 -15.41 10.67
CA ARG B 257 38.06 -16.05 11.71
C ARG B 257 38.19 -15.22 12.99
N VAL B 258 37.06 -14.79 13.52
CA VAL B 258 37.01 -13.89 14.68
C VAL B 258 36.54 -14.62 15.94
N ASP B 259 37.05 -14.18 17.10
CA ASP B 259 36.62 -14.70 18.41
C ASP B 259 35.47 -13.83 18.94
N GLU B 260 34.98 -14.13 20.15
CA GLU B 260 33.91 -13.34 20.78
C GLU B 260 34.42 -11.95 21.15
N SER B 261 35.72 -11.84 21.37
CA SER B 261 36.41 -10.57 21.60
C SER B 261 36.11 -9.56 20.47
N GLY B 262 36.13 -10.04 19.23
CA GLY B 262 36.10 -9.16 18.06
C GLY B 262 37.50 -9.00 17.46
N LYS B 263 38.41 -9.89 17.86
CA LYS B 263 39.80 -9.90 17.37
C LYS B 263 40.02 -11.06 16.42
N GLU B 264 40.63 -10.77 15.26
CA GLU B 264 41.02 -11.78 14.28
C GLU B 264 42.07 -12.76 14.82
N VAL B 265 41.65 -13.98 15.13
CA VAL B 265 42.56 -15.01 15.65
C VAL B 265 43.25 -15.83 14.54
N SER B 266 42.80 -15.68 13.29
CA SER B 266 43.32 -16.52 12.20
C SER B 266 42.94 -16.01 10.80
N LEU B 267 43.87 -16.12 9.85
CA LEU B 267 43.58 -15.91 8.43
C LEU B 267 43.49 -17.26 7.73
N VAL B 268 42.31 -17.60 7.25
CA VAL B 268 42.09 -18.85 6.52
C VAL B 268 42.66 -18.70 5.11
N ASP B 269 43.17 -19.79 4.55
CA ASP B 269 43.82 -19.73 3.23
C ASP B 269 42.78 -19.64 2.11
N ASP B 270 41.80 -20.54 2.17
CA ASP B 270 40.74 -20.62 1.16
C ASP B 270 39.51 -19.81 1.59
N PHE B 271 39.03 -18.92 0.73
CA PHE B 271 37.85 -18.08 1.07
C PHE B 271 36.58 -18.91 1.35
N ASN B 272 36.44 -20.01 0.61
CA ASN B 272 35.27 -20.87 0.74
C ASN B 272 35.09 -21.51 2.12
N GLU B 273 36.12 -21.49 2.94
CA GLU B 273 36.04 -22.14 4.24
C GLU B 273 34.98 -21.50 5.13
N LEU B 274 34.92 -20.16 5.12
CA LEU B 274 34.00 -19.40 5.98
C LEU B 274 32.67 -19.05 5.29
N GLU B 275 32.57 -19.34 3.98
CA GLU B 275 31.33 -19.18 3.20
C GLU B 275 30.90 -17.72 3.04
N ARG B 276 31.86 -16.81 2.93
CA ARG B 276 31.53 -15.37 2.95
C ARG B 276 31.60 -14.72 1.60
N PHE B 277 32.79 -14.76 1.03
CA PHE B 277 33.05 -14.11 -0.23
C PHE B 277 32.24 -14.80 -1.33
N PRO B 278 31.69 -14.00 -2.29
CA PRO B 278 31.81 -12.55 -2.40
C PRO B 278 30.68 -11.83 -1.68
N ALA B 279 30.92 -10.55 -1.37
CA ALA B 279 29.94 -9.73 -0.66
C ALA B 279 28.60 -9.88 -1.35
N ASP B 280 27.53 -9.99 -0.59
CA ASP B 280 26.22 -10.00 -1.22
C ASP B 280 25.78 -8.56 -1.48
N VAL B 281 26.15 -7.68 -0.57
CA VAL B 281 25.98 -6.26 -0.77
C VAL B 281 27.21 -5.49 -0.31
N HIS B 282 27.73 -4.65 -1.20
CA HIS B 282 28.72 -3.64 -0.84
C HIS B 282 27.98 -2.33 -0.72
N VAL B 283 28.06 -1.68 0.44
CA VAL B 283 27.50 -0.34 0.62
C VAL B 283 28.60 0.68 0.40
N ILE B 284 28.33 1.68 -0.44
CA ILE B 284 29.25 2.79 -0.69
C ILE B 284 28.47 4.04 -0.99
N GLY B 285 29.16 5.18 -1.00
CA GLY B 285 28.59 6.44 -1.46
C GLY B 285 29.03 6.73 -2.88
N LYS B 286 28.22 7.49 -3.61
CA LYS B 286 28.47 7.79 -5.02
C LYS B 286 29.93 8.13 -5.37
N ASP B 287 30.58 8.90 -4.51
CA ASP B 287 31.99 9.27 -4.72
C ASP B 287 32.94 8.10 -5.05
N ILE B 288 32.70 6.90 -4.52
CA ILE B 288 33.64 5.79 -4.67
C ILE B 288 33.08 4.58 -5.45
N LEU B 289 32.12 4.86 -6.35
CA LEU B 289 31.53 3.85 -7.22
C LEU B 289 32.49 3.33 -8.28
N LYS B 290 33.23 4.22 -8.94
CA LYS B 290 34.09 3.78 -10.04
C LYS B 290 35.03 2.71 -9.52
N PHE B 291 35.57 2.93 -8.34
CA PHE B 291 36.47 1.96 -7.68
C PHE B 291 35.85 0.59 -7.44
N HIS B 292 34.55 0.57 -7.20
CA HIS B 292 33.84 -0.65 -6.77
C HIS B 292 33.15 -1.40 -7.87
N ALA B 293 32.67 -0.67 -8.88
CA ALA B 293 31.87 -1.29 -9.95
C ALA B 293 32.68 -1.55 -11.23
N ILE B 294 33.96 -1.17 -11.21
CA ILE B 294 34.82 -1.31 -12.37
C ILE B 294 36.12 -2.00 -12.00
N TYR B 295 36.90 -1.37 -11.13
CA TYR B 295 38.22 -1.89 -10.80
C TYR B 295 38.09 -3.17 -9.99
N TRP B 296 37.36 -3.09 -8.89
CA TRP B 296 37.19 -4.21 -8.00
C TRP B 296 36.85 -5.50 -8.70
N PRO B 297 35.85 -5.50 -9.61
CA PRO B 297 35.56 -6.77 -10.29
C PRO B 297 36.63 -7.15 -11.32
N ALA B 298 37.16 -6.15 -12.02
CA ALA B 298 38.23 -6.36 -12.99
C ALA B 298 39.41 -7.03 -12.31
N PHE B 299 39.66 -6.65 -11.05
CA PHE B 299 40.63 -7.36 -10.24
C PHE B 299 40.14 -8.76 -9.95
N LEU B 300 38.93 -8.89 -9.43
CA LEU B 300 38.42 -10.22 -9.04
C LEU B 300 38.41 -11.19 -10.25
N LEU B 301 38.13 -10.65 -11.43
CA LEU B 301 38.08 -11.45 -12.67
C LEU B 301 39.47 -11.92 -13.03
N SER B 302 40.44 -11.04 -12.88
CA SER B 302 41.84 -11.36 -13.12
C SER B 302 42.30 -12.46 -12.18
N ALA B 303 41.96 -12.34 -10.90
CA ALA B 303 42.36 -13.32 -9.89
C ALA B 303 41.57 -14.61 -9.95
N GLY B 304 40.50 -14.64 -10.75
CA GLY B 304 39.66 -15.84 -10.83
C GLY B 304 38.80 -16.05 -9.59
N LEU B 305 38.50 -14.94 -8.91
CA LEU B 305 37.60 -14.92 -7.75
C LEU B 305 36.17 -14.56 -8.18
N PRO B 306 35.15 -15.08 -7.45
CA PRO B 306 33.78 -14.73 -7.78
C PRO B 306 33.50 -13.24 -7.58
N LEU B 307 32.67 -12.66 -8.45
CA LEU B 307 32.29 -11.26 -8.34
C LEU B 307 31.12 -11.07 -7.34
N PRO B 308 31.04 -9.87 -6.71
CA PRO B 308 30.00 -9.60 -5.70
C PRO B 308 28.63 -9.50 -6.31
N LYS B 309 27.60 -9.58 -5.47
CA LYS B 309 26.23 -9.66 -5.96
C LYS B 309 25.67 -8.28 -6.27
N LYS B 310 25.79 -7.36 -5.33
CA LYS B 310 25.23 -6.03 -5.47
C LYS B 310 26.15 -4.98 -4.88
N ILE B 311 26.42 -3.94 -5.67
CA ILE B 311 26.96 -2.68 -5.16
C ILE B 311 25.81 -1.69 -5.01
N VAL B 312 25.76 -0.95 -3.89
CA VAL B 312 24.70 0.05 -3.65
C VAL B 312 25.29 1.43 -3.24
N ALA B 313 24.95 2.45 -4.02
CA ALA B 313 25.56 3.78 -3.89
C ALA B 313 24.57 4.87 -3.50
N HIS B 314 24.71 5.41 -2.30
CA HIS B 314 23.85 6.47 -1.81
C HIS B 314 24.46 7.84 -2.05
N GLY B 315 23.71 8.87 -1.66
CA GLY B 315 24.20 10.24 -1.76
C GLY B 315 24.70 10.84 -0.46
N TRP B 316 24.85 12.15 -0.48
CA TRP B 316 25.43 12.93 0.61
C TRP B 316 24.38 13.71 1.34
N TRP B 317 24.60 13.94 2.64
CA TRP B 317 23.63 14.68 3.45
C TRP B 317 23.93 16.14 3.55
N THR B 318 22.86 16.93 3.62
CA THR B 318 22.96 18.36 3.93
C THR B 318 22.17 18.63 5.24
N LYS B 319 22.51 19.71 5.94
CA LYS B 319 21.68 20.16 7.07
C LYS B 319 21.06 21.51 6.72
N ASP B 320 19.74 21.60 6.86
CA ASP B 320 18.98 22.81 6.57
C ASP B 320 19.39 23.41 5.21
N ARG B 321 19.45 22.55 4.21
CA ARG B 321 19.83 22.91 2.83
C ARG B 321 21.15 23.69 2.73
N LYS B 322 22.15 23.25 3.50
CA LYS B 322 23.52 23.76 3.41
C LYS B 322 24.53 22.61 3.57
N LYS B 323 25.68 22.75 2.91
CA LYS B 323 26.78 21.78 3.05
C LYS B 323 27.22 21.73 4.50
N ILE B 324 27.59 20.54 4.97
CA ILE B 324 27.96 20.34 6.36
C ILE B 324 29.48 20.44 6.54
N SER B 325 29.93 21.56 7.09
CA SER B 325 31.33 21.78 7.45
C SER B 325 31.36 22.53 8.79
N LYS B 326 32.16 22.04 9.75
CA LYS B 326 32.26 22.67 11.07
C LYS B 326 32.85 24.08 10.95
N SER B 327 33.78 24.28 10.02
CA SER B 327 34.37 25.60 9.74
C SER B 327 33.36 26.59 9.13
N LEU B 328 32.51 26.10 8.23
CA LEU B 328 31.46 26.90 7.61
C LEU B 328 30.26 27.14 8.54
N GLY B 329 30.26 26.48 9.70
CA GLY B 329 29.26 26.76 10.73
C GLY B 329 27.93 26.07 10.49
N ASN B 330 27.99 24.80 10.06
CA ASN B 330 26.80 23.98 9.94
C ASN B 330 27.11 22.55 10.39
N VAL B 331 27.20 22.36 11.69
CA VAL B 331 27.54 21.05 12.26
C VAL B 331 26.30 20.16 12.24
N PHE B 332 26.47 18.93 11.79
CA PHE B 332 25.46 17.89 12.01
C PHE B 332 26.13 16.67 12.64
N ASP B 333 26.17 16.65 13.96
CA ASP B 333 26.77 15.56 14.73
C ASP B 333 25.67 14.55 15.02
N PRO B 334 25.83 13.33 14.51
CA PRO B 334 24.79 12.31 14.66
C PRO B 334 24.62 11.77 16.09
N VAL B 335 25.71 11.61 16.85
CA VAL B 335 25.60 11.16 18.24
C VAL B 335 24.89 12.22 19.07
N GLU B 336 25.18 13.49 18.79
CA GLU B 336 24.54 14.61 19.49
C GLU B 336 23.02 14.53 19.35
N LYS B 337 22.55 14.46 18.10
CA LYS B 337 21.12 14.45 17.80
C LYS B 337 20.49 13.14 18.24
N ALA B 338 21.25 12.05 18.18
CA ALA B 338 20.77 10.79 18.75
C ALA B 338 20.48 10.92 20.24
N GLU B 339 21.32 11.67 20.95
CA GLU B 339 21.16 11.89 22.39
C GLU B 339 19.91 12.69 22.70
N GLU B 340 19.61 13.66 21.85
CA GLU B 340 18.47 14.53 22.04
C GLU B 340 17.14 13.82 21.74
N PHE B 341 17.11 13.02 20.67
CA PHE B 341 15.87 12.46 20.11
C PHE B 341 15.67 10.94 20.30
N GLY B 342 16.69 10.24 20.77
CA GLY B 342 16.70 8.77 20.82
C GLY B 342 17.49 8.21 19.65
N TYR B 343 18.12 7.06 19.85
CA TYR B 343 18.98 6.47 18.80
C TYR B 343 18.18 5.90 17.64
N ASP B 344 17.21 5.04 17.95
CA ASP B 344 16.38 4.42 16.92
C ASP B 344 15.63 5.44 16.08
N ALA B 345 15.11 6.48 16.71
CA ALA B 345 14.42 7.53 15.96
C ALA B 345 15.37 8.26 15.00
N LEU B 346 16.58 8.57 15.44
CA LEU B 346 17.54 9.20 14.54
C LEU B 346 17.83 8.26 13.39
N LYS B 347 18.15 7.02 13.71
CA LYS B 347 18.44 6.01 12.70
C LYS B 347 17.29 5.94 11.71
N TYR B 348 16.07 5.95 12.24
CA TYR B 348 14.87 5.82 11.43
C TYR B 348 14.69 6.98 10.48
N PHE B 349 14.94 8.18 10.98
CA PHE B 349 14.84 9.37 10.14
C PHE B 349 15.77 9.26 8.97
N LEU B 350 17.01 8.88 9.22
CA LEU B 350 18.03 8.82 8.16
C LEU B 350 17.69 7.79 7.08
N LEU B 351 17.19 6.64 7.51
CA LEU B 351 16.79 5.60 6.59
C LEU B 351 15.49 5.95 5.83
N ARG B 352 14.63 6.77 6.43
CA ARG B 352 13.29 7.10 5.91
C ARG B 352 13.19 8.41 5.10
N GLU B 353 13.88 9.45 5.56
CA GLU B 353 13.79 10.77 4.91
C GLU B 353 14.26 10.77 3.46
N SER B 354 15.20 9.90 3.12
CA SER B 354 15.60 9.81 1.72
C SER B 354 16.14 8.43 1.38
N GLY B 355 15.90 8.06 0.12
CA GLY B 355 16.46 6.86 -0.46
C GLY B 355 17.83 7.14 -1.05
N PHE B 356 18.47 6.08 -1.50
CA PHE B 356 19.85 6.13 -1.97
C PHE B 356 19.98 6.92 -3.28
N SER B 357 18.88 6.98 -4.02
CA SER B 357 18.80 7.88 -5.18
C SER B 357 19.13 9.34 -4.80
N ASP B 358 18.82 9.72 -3.56
CA ASP B 358 18.72 11.10 -3.13
C ASP B 358 19.89 11.57 -2.27
N ASP B 359 20.03 12.90 -2.20
CA ASP B 359 20.88 13.57 -1.22
C ASP B 359 19.98 14.12 -0.12
N GLY B 360 19.80 13.33 0.94
CA GLY B 360 18.91 13.67 2.05
C GLY B 360 19.21 14.99 2.76
N ASP B 361 18.18 15.61 3.30
CA ASP B 361 18.31 16.86 4.06
C ASP B 361 17.77 16.67 5.47
N TYR B 362 18.58 17.04 6.45
CA TYR B 362 18.18 16.99 7.86
C TYR B 362 17.77 18.37 8.36
N SER B 363 16.63 18.42 9.04
CA SER B 363 16.27 19.57 9.84
C SER B 363 15.70 19.05 11.16
N ASP B 364 15.93 19.80 12.24
CA ASP B 364 15.32 19.48 13.52
C ASP B 364 13.78 19.48 13.38
N LYS B 365 13.27 20.31 12.47
CA LYS B 365 11.82 20.39 12.25
C LYS B 365 11.27 19.06 11.73
N ASN B 366 11.85 18.59 10.62
CA ASN B 366 11.44 17.34 10.01
C ASN B 366 11.61 16.12 10.92
N MET B 367 12.71 16.11 11.68
CA MET B 367 12.98 15.05 12.63
C MET B 367 11.79 14.89 13.58
N ILE B 368 11.32 16.02 14.12
CA ILE B 368 10.16 16.02 15.01
C ILE B 368 8.90 15.61 14.28
N ALA B 369 8.76 16.08 13.05
CA ALA B 369 7.60 15.74 12.22
C ALA B 369 7.42 14.22 12.19
N ARG B 370 8.48 13.53 11.78
CA ARG B 370 8.42 12.07 11.60
C ARG B 370 8.34 11.30 12.91
N LEU B 371 9.03 11.81 13.93
CA LEU B 371 9.00 11.19 15.25
C LEU B 371 7.58 11.26 15.80
N ASN B 372 6.99 12.45 15.75
CA ASN B 372 5.64 12.64 16.23
C ASN B 372 4.65 11.89 15.35
N GLY B 373 4.75 12.11 14.04
CA GLY B 373 3.77 11.62 13.06
C GLY B 373 3.73 10.10 12.87
N GLU B 374 4.90 9.50 12.67
CA GLU B 374 4.97 8.08 12.40
C GLU B 374 5.31 7.26 13.64
N LEU B 375 6.36 7.63 14.36
CA LEU B 375 6.84 6.78 15.43
C LEU B 375 5.90 6.78 16.63
N ALA B 376 5.51 7.97 17.07
CA ALA B 376 4.60 8.11 18.22
C ALA B 376 3.16 7.82 17.82
N ASP B 377 2.61 8.69 16.99
CA ASP B 377 1.19 8.62 16.64
C ASP B 377 0.79 7.34 15.92
N THR B 378 1.67 6.74 15.11
CA THR B 378 1.25 5.57 14.32
C THR B 378 1.69 4.25 14.93
N LEU B 379 2.95 4.15 15.34
CA LEU B 379 3.45 2.93 15.94
C LEU B 379 3.14 2.87 17.43
N GLY B 380 3.43 3.96 18.14
CA GLY B 380 3.30 4.01 19.59
C GLY B 380 1.85 3.98 20.06
N ASN B 381 1.05 4.87 19.50
CA ASN B 381 -0.39 4.86 19.71
C ASN B 381 -0.90 3.41 19.63
N LEU B 382 -0.57 2.75 18.53
CA LEU B 382 -1.09 1.43 18.20
C LEU B 382 -0.64 0.36 19.17
N VAL B 383 0.64 0.38 19.54
CA VAL B 383 1.17 -0.61 20.48
C VAL B 383 0.52 -0.45 21.85
N MET B 384 0.21 0.79 22.22
CA MET B 384 -0.36 1.08 23.53
C MET B 384 -1.86 0.79 23.57
N ARG B 385 -2.52 0.90 22.43
CA ARG B 385 -3.94 0.56 22.32
C ARG B 385 -4.15 -0.92 22.58
N CYS B 386 -3.36 -1.76 21.92
CA CYS B 386 -3.55 -3.21 22.03
C CYS B 386 -3.03 -3.79 23.35
N THR B 387 -2.10 -3.08 23.99
CA THR B 387 -1.56 -3.49 25.28
C THR B 387 -2.34 -2.88 26.46
N SER B 388 -3.16 -1.87 26.18
CA SER B 388 -4.06 -1.27 27.17
C SER B 388 -4.95 -2.28 27.92
N ALA B 389 -4.97 -2.17 29.26
CA ALA B 389 -5.84 -3.00 30.09
C ALA B 389 -7.31 -2.62 29.93
N LYS B 390 -7.56 -1.34 29.63
CA LYS B 390 -8.89 -0.86 29.24
C LYS B 390 -9.52 -1.83 28.22
N ILE B 391 -8.76 -2.13 27.17
CA ILE B 391 -9.21 -2.95 26.04
C ILE B 391 -8.88 -4.44 26.21
N ASN B 392 -7.69 -4.71 26.76
CA ASN B 392 -7.19 -6.06 26.92
C ASN B 392 -7.23 -6.47 28.40
N VAL B 393 -8.40 -6.88 28.86
CA VAL B 393 -8.63 -7.03 30.30
C VAL B 393 -8.02 -8.30 30.92
N ASN B 394 -7.44 -9.18 30.11
CA ASN B 394 -6.77 -10.37 30.65
C ASN B 394 -5.26 -10.30 30.58
N GLY B 395 -4.73 -9.34 29.82
CA GLY B 395 -3.29 -9.28 29.54
C GLY B 395 -2.82 -10.54 28.84
N GLU B 396 -3.64 -11.02 27.90
CA GLU B 396 -3.47 -12.32 27.27
C GLU B 396 -3.71 -12.13 25.77
N TRP B 397 -3.21 -13.04 24.94
CA TRP B 397 -3.59 -13.09 23.52
C TRP B 397 -4.83 -13.94 23.39
N PRO B 398 -5.94 -13.38 22.87
CA PRO B 398 -7.19 -14.14 22.83
C PRO B 398 -7.38 -15.03 21.60
N SER B 399 -8.14 -16.11 21.77
CA SER B 399 -8.50 -17.01 20.67
C SER B 399 -9.57 -16.36 19.82
N PRO B 400 -9.25 -16.04 18.56
CA PRO B 400 -10.22 -15.32 17.75
C PRO B 400 -11.36 -16.22 17.28
N ALA B 401 -12.48 -15.58 16.94
CA ALA B 401 -13.66 -16.27 16.42
C ALA B 401 -13.71 -16.13 14.88
N ALA B 402 -14.86 -16.45 14.30
CA ALA B 402 -15.09 -16.28 12.87
C ALA B 402 -14.54 -14.94 12.40
N TYR B 403 -13.80 -14.94 11.31
CA TYR B 403 -13.29 -13.71 10.72
C TYR B 403 -14.25 -13.18 9.66
N THR B 404 -14.64 -11.92 9.79
CA THR B 404 -15.38 -11.21 8.73
C THR B 404 -14.49 -10.90 7.54
N GLU B 405 -15.09 -10.42 6.45
CA GLU B 405 -14.32 -10.00 5.28
C GLU B 405 -13.41 -8.82 5.55
N GLU B 406 -13.77 -7.94 6.49
CA GLU B 406 -12.84 -6.87 6.82
C GLU B 406 -11.66 -7.47 7.56
N ASP B 407 -11.93 -8.33 8.55
CA ASP B 407 -10.86 -9.08 9.21
C ASP B 407 -9.91 -9.64 8.14
N GLU B 408 -10.46 -10.51 7.29
CA GLU B 408 -9.70 -11.11 6.20
C GLU B 408 -8.92 -10.10 5.36
N SER B 409 -9.51 -8.94 5.07
CA SER B 409 -8.87 -7.95 4.18
C SER B 409 -7.57 -7.42 4.77
N LEU B 410 -7.54 -7.34 6.10
CA LEU B 410 -6.37 -6.85 6.85
C LEU B 410 -5.36 -7.96 7.05
N ILE B 411 -5.84 -9.13 7.47
CA ILE B 411 -4.98 -10.31 7.54
C ILE B 411 -4.23 -10.47 6.21
N GLN B 412 -4.87 -10.12 5.10
CA GLN B 412 -4.24 -10.19 3.80
C GLN B 412 -3.10 -9.21 3.71
N LEU B 413 -3.33 -8.01 4.22
CA LEU B 413 -2.29 -6.99 4.21
C LEU B 413 -1.07 -7.40 5.04
N ILE B 414 -1.32 -8.15 6.12
CA ILE B 414 -0.25 -8.61 7.01
C ILE B 414 0.46 -9.83 6.42
N LYS B 415 -0.31 -10.84 6.03
CA LYS B 415 0.26 -11.99 5.36
C LYS B 415 1.14 -11.60 4.18
N ASP B 416 0.70 -10.60 3.41
CA ASP B 416 1.43 -10.14 2.22
C ASP B 416 2.70 -9.34 2.49
N LEU B 417 2.82 -8.76 3.67
CA LEU B 417 3.85 -7.75 3.94
C LEU B 417 5.27 -8.33 3.87
N PRO B 418 5.54 -9.45 4.58
CA PRO B 418 6.90 -10.00 4.63
C PRO B 418 7.55 -10.15 3.26
N GLY B 419 6.80 -10.74 2.32
CA GLY B 419 7.24 -10.87 0.96
C GLY B 419 7.62 -9.52 0.37
N THR B 420 6.77 -8.51 0.56
CA THR B 420 7.01 -7.21 -0.06
C THR B 420 8.23 -6.56 0.55
N ALA B 421 8.28 -6.57 1.88
CA ALA B 421 9.42 -6.01 2.61
C ALA B 421 10.71 -6.78 2.25
N ASP B 422 10.61 -8.10 2.15
CA ASP B 422 11.78 -8.89 1.78
C ASP B 422 12.41 -8.38 0.47
N HIS B 423 11.57 -8.13 -0.53
CA HIS B 423 12.04 -7.61 -1.82
C HIS B 423 12.71 -6.29 -1.71
N TYR B 424 12.08 -5.39 -0.97
CA TYR B 424 12.64 -4.08 -0.74
C TYR B 424 13.98 -4.17 0.00
N TYR B 425 14.02 -4.86 1.15
CA TYR B 425 15.28 -5.06 1.87
C TYR B 425 16.36 -5.61 0.95
N LEU B 426 15.97 -6.52 0.06
CA LEU B 426 16.92 -7.20 -0.82
C LEU B 426 17.41 -6.41 -2.04
N ILE B 427 16.72 -5.34 -2.41
CA ILE B 427 17.07 -4.59 -3.64
C ILE B 427 18.50 -4.06 -3.66
N PRO B 428 18.92 -3.35 -2.61
CA PRO B 428 18.21 -2.98 -1.38
C PRO B 428 17.61 -1.56 -1.44
N ASP B 429 16.39 -1.41 -0.92
CA ASP B 429 15.71 -0.11 -0.84
C ASP B 429 15.06 -0.08 0.52
N ILE B 430 15.74 0.51 1.50
CA ILE B 430 15.27 0.44 2.88
C ILE B 430 14.08 1.37 3.08
N GLN B 431 14.25 2.60 2.60
CA GLN B 431 13.22 3.62 2.65
C GLN B 431 11.88 3.07 2.22
N LYS B 432 11.87 2.37 1.10
CA LYS B 432 10.66 1.69 0.63
C LYS B 432 10.20 0.58 1.59
N ALA B 433 11.15 -0.22 2.10
CA ALA B 433 10.83 -1.30 3.04
C ALA B 433 10.12 -0.75 4.28
N ILE B 434 10.53 0.44 4.69
CA ILE B 434 9.93 1.11 5.84
C ILE B 434 8.48 1.48 5.48
N ILE B 435 8.32 2.31 4.47
CA ILE B 435 7.00 2.72 3.95
C ILE B 435 6.01 1.53 3.89
N ALA B 436 6.44 0.43 3.28
CA ALA B 436 5.62 -0.76 3.14
C ALA B 436 5.07 -1.24 4.48
N VAL B 437 5.88 -1.18 5.53
CA VAL B 437 5.46 -1.62 6.84
C VAL B 437 4.44 -0.65 7.40
N PHE B 438 4.69 0.64 7.21
CA PHE B 438 3.81 1.65 7.80
C PHE B 438 2.45 1.68 7.13
N ASP B 439 2.45 1.51 5.80
CA ASP B 439 1.20 1.39 5.06
C ASP B 439 0.32 0.40 5.81
N VAL B 440 0.92 -0.70 6.25
CA VAL B 440 0.18 -1.70 7.02
C VAL B 440 -0.19 -1.14 8.39
N LEU B 441 0.79 -0.71 9.17
CA LEU B 441 0.51 -0.07 10.47
C LEU B 441 -0.69 0.89 10.36
N ARG B 442 -0.63 1.79 9.38
CA ARG B 442 -1.73 2.73 9.12
C ARG B 442 -3.06 1.99 8.94
N ALA B 443 -3.04 0.91 8.15
CA ALA B 443 -4.22 0.06 7.89
C ALA B 443 -4.80 -0.56 9.15
N ILE B 444 -3.92 -0.87 10.10
CA ILE B 444 -4.30 -1.53 11.33
C ILE B 444 -4.96 -0.52 12.28
N ASN B 445 -4.42 0.69 12.33
CA ASN B 445 -5.07 1.74 13.11
C ASN B 445 -6.48 2.00 12.58
N ALA B 446 -6.62 2.11 11.25
CA ALA B 446 -7.93 2.29 10.62
C ALA B 446 -8.88 1.20 11.09
N TYR B 447 -8.42 -0.04 11.02
CA TYR B 447 -9.21 -1.19 11.44
C TYR B 447 -9.62 -1.08 12.91
N VAL B 448 -8.66 -0.76 13.78
CA VAL B 448 -8.94 -0.65 15.21
C VAL B 448 -9.84 0.54 15.49
N THR B 449 -9.64 1.64 14.77
CA THR B 449 -10.55 2.78 14.86
C THR B 449 -11.98 2.37 14.51
N ASP B 450 -12.13 1.59 13.44
CA ASP B 450 -13.45 1.20 12.94
C ASP B 450 -14.11 0.19 13.88
N MET B 451 -13.35 -0.83 14.30
CA MET B 451 -13.92 -1.85 15.17
C MET B 451 -14.29 -1.32 16.55
N ALA B 452 -13.62 -0.26 17.00
CA ALA B 452 -13.90 0.38 18.29
C ALA B 452 -13.92 -0.64 19.44
N PRO B 453 -12.76 -1.26 19.71
CA PRO B 453 -12.71 -2.38 20.66
C PRO B 453 -12.97 -1.94 22.09
N TRP B 454 -12.63 -0.69 22.40
CA TRP B 454 -12.94 -0.11 23.69
C TRP B 454 -14.43 -0.17 23.95
N LYS B 455 -15.25 0.09 22.93
CA LYS B 455 -16.70 -0.13 23.00
C LYS B 455 -17.10 -1.61 23.03
N LEU B 456 -16.34 -2.45 22.32
CA LEU B 456 -16.65 -3.88 22.24
C LEU B 456 -16.48 -4.60 23.57
N VAL B 457 -15.72 -4.01 24.50
CA VAL B 457 -15.58 -4.61 25.84
C VAL B 457 -16.97 -4.92 26.40
N LYS B 458 -17.95 -4.03 26.15
CA LYS B 458 -19.34 -4.24 26.56
C LYS B 458 -20.23 -4.88 25.48
N THR B 459 -20.27 -4.29 24.28
CA THR B 459 -21.11 -4.78 23.17
C THR B 459 -20.97 -6.30 22.96
N ASP B 460 -19.73 -6.74 22.78
CA ASP B 460 -19.46 -8.08 22.25
C ASP B 460 -18.02 -8.47 22.61
N PRO B 461 -17.85 -9.29 23.66
CA PRO B 461 -16.52 -9.77 23.99
C PRO B 461 -16.00 -10.71 22.90
N GLU B 462 -16.82 -11.67 22.49
CA GLU B 462 -16.43 -12.65 21.47
C GLU B 462 -15.79 -11.97 20.24
N ARG B 463 -16.31 -10.81 19.85
CA ARG B 463 -15.79 -10.08 18.69
C ARG B 463 -14.46 -9.40 19.00
N LEU B 464 -14.33 -8.86 20.22
CA LEU B 464 -13.06 -8.29 20.71
C LEU B 464 -11.94 -9.29 20.56
N ARG B 465 -12.16 -10.52 20.99
CA ARG B 465 -11.14 -11.56 20.88
C ARG B 465 -10.52 -11.60 19.47
N THR B 466 -11.36 -11.46 18.45
CA THR B 466 -10.91 -11.46 17.07
C THR B 466 -10.14 -10.19 16.74
N VAL B 467 -10.77 -9.05 17.00
CA VAL B 467 -10.18 -7.75 16.68
C VAL B 467 -8.83 -7.59 17.35
N LEU B 468 -8.75 -7.97 18.63
CA LEU B 468 -7.50 -7.88 19.39
C LEU B 468 -6.41 -8.76 18.80
N TYR B 469 -6.71 -10.06 18.64
CA TYR B 469 -5.73 -10.98 18.09
C TYR B 469 -5.14 -10.42 16.79
N ILE B 470 -6.01 -10.10 15.84
CA ILE B 470 -5.56 -9.57 14.54
C ILE B 470 -4.67 -8.35 14.73
N THR B 471 -5.08 -7.44 15.60
CA THR B 471 -4.29 -6.23 15.87
C THR B 471 -2.94 -6.62 16.47
N LEU B 472 -2.97 -7.34 17.59
CA LEU B 472 -1.76 -7.80 18.25
C LEU B 472 -0.81 -8.48 17.26
N GLU B 473 -1.35 -9.47 16.56
CA GLU B 473 -0.57 -10.29 15.64
C GLU B 473 -0.06 -9.45 14.47
N GLY B 474 -0.82 -8.43 14.09
CA GLY B 474 -0.41 -7.50 13.03
C GLY B 474 0.68 -6.54 13.46
N VAL B 475 0.55 -6.02 14.68
CA VAL B 475 1.59 -5.19 15.29
C VAL B 475 2.94 -5.93 15.41
N ARG B 476 2.87 -7.23 15.65
CA ARG B 476 4.06 -8.08 15.78
C ARG B 476 4.81 -8.19 14.45
N VAL B 477 4.12 -8.66 13.41
CA VAL B 477 4.78 -8.83 12.12
C VAL B 477 5.41 -7.53 11.58
N THR B 478 4.75 -6.40 11.77
CA THR B 478 5.27 -5.12 11.34
C THR B 478 6.52 -4.75 12.14
N THR B 479 6.46 -5.03 13.45
CA THR B 479 7.57 -4.72 14.35
C THR B 479 8.76 -5.58 13.92
N LEU B 480 8.55 -6.90 13.93
CA LEU B 480 9.54 -7.83 13.41
C LEU B 480 10.27 -7.24 12.19
N LEU B 481 9.52 -6.90 11.14
CA LEU B 481 10.12 -6.40 9.92
C LEU B 481 10.80 -5.04 10.12
N LEU B 482 10.37 -4.28 11.13
CA LEU B 482 11.05 -3.04 11.52
C LEU B 482 12.22 -3.20 12.51
N SER B 483 12.42 -4.41 13.06
CA SER B 483 13.58 -4.70 13.92
C SER B 483 14.89 -4.08 13.44
N PRO B 484 15.22 -4.25 12.16
CA PRO B 484 16.47 -3.66 11.66
C PRO B 484 16.55 -2.15 11.75
N ILE B 485 15.39 -1.48 11.70
CA ILE B 485 15.37 -0.04 11.72
C ILE B 485 15.35 0.45 13.15
N LEU B 486 14.48 -0.15 13.96
CA LEU B 486 14.29 0.19 15.36
C LEU B 486 14.70 -0.96 16.30
N PRO B 487 15.98 -1.35 16.28
CA PRO B 487 16.47 -2.55 17.00
C PRO B 487 16.30 -2.50 18.50
N ARG B 488 16.30 -1.31 19.07
CA ARG B 488 16.10 -1.16 20.51
C ARG B 488 14.64 -1.06 20.86
N LYS B 489 13.96 -0.11 20.24
CA LYS B 489 12.56 0.12 20.50
C LYS B 489 11.71 -1.12 20.18
N SER B 490 12.12 -1.91 19.19
CA SER B 490 11.33 -3.09 18.80
C SER B 490 11.35 -4.20 19.87
N VAL B 491 12.50 -4.40 20.51
CA VAL B 491 12.57 -5.34 21.64
C VAL B 491 11.73 -4.87 22.84
N VAL B 492 11.56 -3.55 23.01
CA VAL B 492 10.62 -3.05 24.02
C VAL B 492 9.21 -3.46 23.64
N ILE B 493 8.83 -3.18 22.39
CA ILE B 493 7.50 -3.51 21.89
C ILE B 493 7.17 -4.99 22.14
N PHE B 494 8.05 -5.88 21.68
CA PHE B 494 7.83 -7.31 21.87
C PHE B 494 7.67 -7.65 23.34
N ASP B 495 8.43 -6.97 24.20
CA ASP B 495 8.30 -7.17 25.64
C ASP B 495 6.90 -6.79 26.11
N MET B 496 6.42 -5.61 25.71
CA MET B 496 5.06 -5.17 26.05
C MET B 496 4.06 -6.26 25.66
N LEU B 497 4.20 -6.75 24.43
CA LEU B 497 3.27 -7.73 23.84
C LEU B 497 3.44 -9.15 24.36
N GLY B 498 4.57 -9.44 25.00
CA GLY B 498 4.83 -10.76 25.56
C GLY B 498 5.20 -11.81 24.52
N VAL B 499 5.78 -11.37 23.40
CA VAL B 499 6.21 -12.26 22.33
C VAL B 499 7.46 -13.02 22.78
N PRO B 500 7.39 -14.35 22.88
CA PRO B 500 8.58 -15.08 23.33
C PRO B 500 9.77 -14.90 22.37
N GLU B 501 10.98 -14.93 22.93
CA GLU B 501 12.23 -14.68 22.19
C GLU B 501 12.36 -15.55 20.95
N VAL B 502 11.85 -16.78 21.05
CA VAL B 502 11.81 -17.73 19.91
C VAL B 502 11.00 -17.21 18.72
N HIS B 503 10.04 -16.32 18.97
CA HIS B 503 9.21 -15.75 17.90
C HIS B 503 9.57 -14.33 17.50
N ARG B 504 10.77 -13.89 17.86
CA ARG B 504 11.23 -12.55 17.47
C ARG B 504 12.15 -12.57 16.26
N LYS B 505 12.62 -13.77 15.91
CA LYS B 505 13.54 -14.01 14.80
C LYS B 505 12.91 -14.97 13.82
N GLY B 506 13.55 -15.15 12.68
CA GLY B 506 13.28 -16.30 11.82
C GLY B 506 12.24 -16.07 10.75
N ILE B 507 12.52 -16.61 9.56
CA ILE B 507 11.63 -16.53 8.40
C ILE B 507 10.33 -17.31 8.66
N GLU B 508 10.42 -18.35 9.48
CA GLU B 508 9.25 -19.11 9.94
C GLU B 508 8.22 -18.23 10.64
N ASN B 509 8.68 -17.15 11.27
CA ASN B 509 7.85 -16.23 12.05
C ASN B 509 7.47 -14.95 11.32
N PHE B 510 7.67 -14.92 10.02
CA PHE B 510 7.20 -13.83 9.18
C PHE B 510 5.72 -14.01 8.97
N GLU B 511 5.27 -15.25 9.13
CA GLU B 511 3.94 -15.64 8.79
C GLU B 511 2.97 -15.27 9.88
N PHE B 512 1.82 -14.76 9.45
CA PHE B 512 0.69 -14.48 10.34
C PHE B 512 0.27 -15.76 11.07
N GLY B 513 0.18 -15.68 12.40
CA GLY B 513 -0.30 -16.78 13.23
C GLY B 513 0.72 -17.44 14.14
N ALA B 514 1.97 -16.97 14.10
CA ALA B 514 3.08 -17.66 14.75
C ALA B 514 3.03 -17.63 16.27
N VAL B 515 2.43 -16.58 16.86
CA VAL B 515 2.25 -16.49 18.31
C VAL B 515 0.83 -16.95 18.68
N PRO B 516 0.72 -17.99 19.52
CA PRO B 516 -0.58 -18.60 19.83
C PRO B 516 -1.40 -17.88 20.91
N PRO B 517 -2.73 -18.11 20.90
CA PRO B 517 -3.58 -17.57 21.96
C PRO B 517 -3.28 -18.24 23.30
N GLY B 518 -3.38 -17.48 24.38
CA GLY B 518 -2.95 -17.92 25.70
C GLY B 518 -1.70 -17.16 26.12
N THR B 519 -0.80 -16.91 25.18
CA THR B 519 0.41 -16.12 25.43
C THR B 519 0.09 -14.88 26.25
N ARG B 520 0.84 -14.67 27.33
CA ARG B 520 0.55 -13.56 28.23
C ARG B 520 1.33 -12.30 27.83
N LEU B 521 0.70 -11.15 27.98
CA LEU B 521 1.36 -9.87 27.76
C LEU B 521 2.49 -9.70 28.75
N GLY B 522 3.44 -8.83 28.42
CA GLY B 522 4.45 -8.42 29.37
C GLY B 522 3.81 -7.51 30.39
N PRO B 523 4.49 -7.27 31.53
CA PRO B 523 3.90 -6.47 32.60
C PRO B 523 3.81 -4.99 32.22
N ALA B 524 2.82 -4.29 32.76
CA ALA B 524 2.59 -2.88 32.44
C ALA B 524 3.26 -1.95 33.46
N VAL B 525 4.08 -1.03 32.96
CA VAL B 525 4.67 0.06 33.75
C VAL B 525 4.02 1.36 33.26
N GLU B 526 3.26 2.01 34.14
CA GLU B 526 2.36 3.11 33.74
C GLU B 526 3.09 4.39 33.33
N GLY B 527 4.38 4.50 33.62
CA GLY B 527 5.15 5.69 33.29
C GLY B 527 5.44 5.96 31.81
N GLU B 528 5.70 4.90 31.04
CA GLU B 528 6.31 5.04 29.72
C GLU B 528 5.35 5.01 28.52
N VAL B 529 5.66 5.86 27.53
CA VAL B 529 5.18 5.67 26.16
C VAL B 529 6.42 5.29 25.32
N LEU B 530 6.21 4.46 24.31
CA LEU B 530 7.30 3.91 23.48
C LEU B 530 8.19 5.02 22.90
N PHE B 531 7.55 6.00 22.25
CA PHE B 531 8.20 7.23 21.84
C PHE B 531 7.47 8.41 22.47
N SER B 532 8.21 9.41 22.92
CA SER B 532 7.61 10.63 23.44
C SER B 532 7.59 11.72 22.36
N LYS B 533 6.42 12.31 22.14
CA LYS B 533 6.28 13.46 21.24
C LYS B 533 7.09 14.65 21.74
N ARG B 534 7.66 15.41 20.82
CA ARG B 534 8.50 16.56 21.18
C ARG B 534 8.01 17.88 20.57
N SER B 535 8.17 18.96 21.34
CA SER B 535 7.60 20.28 21.04
C SER B 535 8.11 20.92 19.73
N THR B 536 7.38 21.93 19.24
CA THR B 536 7.72 22.64 17.99
C THR B 536 7.84 24.16 18.20
N GLU B 537 8.93 24.74 17.68
CA GLU B 537 9.17 26.19 17.72
C GLU B 537 9.27 26.76 16.31
#